data_4ZQ0
#
_entry.id   4ZQ0
#
_cell.length_a   69.958
_cell.length_b   109.408
_cell.length_c   78.568
_cell.angle_alpha   90.000
_cell.angle_beta   92.640
_cell.angle_gamma   90.000
#
_symmetry.space_group_name_H-M   'P 1 21 1'
#
loop_
_entity.id
_entity.type
_entity.pdbx_description
1 polymer '14-3-3 protein'
2 polymer 'A8Ap phosphopeptide'
3 non-polymer 'PHOSPHATE ION'
#
loop_
_entity_poly.entity_id
_entity_poly.type
_entity_poly.pdbx_seq_one_letter_code
_entity_poly.pdbx_strand_id
1 'polypeptide(L)'
;FTREDYVFMAQLNENAERYDEMVETMRKISGMEGELSDKERNLLSVAYKNVIGPRRAAWRIVSSIEAKEKGRQKPNAKRI
EQIRVYRQKIEKELSDICNDILKLLQEQFVPRSTNADAKVFYYKMQGDYYRYLAEYSSGEDKEKIAGSALNAYNSAFEIS
QQLPPTHPIRLGLALNFSVFYYEILASPDRACELARKAFDAAITDLDKLTEESYKDSTLIMQLLRDNLNLWVTD
;
A,C,B,D
2 'polypeptide(L)' ARAA(SEP)APA E,F,G,H
#
# COMPACT_ATOMS: atom_id res chain seq x y z
N PHE A 1 -27.78 -29.78 -3.47
CA PHE A 1 -26.70 -28.83 -3.05
C PHE A 1 -27.27 -27.72 -2.15
N THR A 2 -26.99 -27.78 -0.85
CA THR A 2 -27.41 -26.74 0.12
C THR A 2 -26.50 -25.47 0.06
N ARG A 3 -26.81 -24.48 0.90
CA ARG A 3 -26.00 -23.23 1.03
C ARG A 3 -24.55 -23.53 1.43
N GLU A 4 -24.43 -24.32 2.50
CA GLU A 4 -23.13 -24.77 3.03
C GLU A 4 -22.30 -25.46 1.94
N ASP A 5 -22.97 -26.22 1.06
CA ASP A 5 -22.33 -26.85 -0.08
C ASP A 5 -21.82 -25.82 -1.10
N TYR A 6 -22.56 -24.70 -1.27
CA TYR A 6 -22.13 -23.63 -2.18
C TYR A 6 -20.97 -22.83 -1.60
N VAL A 7 -21.05 -22.49 -0.31
CA VAL A 7 -19.93 -21.82 0.37
C VAL A 7 -18.59 -22.53 0.05
N PHE A 8 -18.58 -23.84 0.31
CA PHE A 8 -17.43 -24.68 -0.02
C PHE A 8 -16.97 -24.53 -1.47
N MET A 9 -17.92 -24.47 -2.41
CA MET A 9 -17.59 -24.27 -3.83
C MET A 9 -16.98 -22.90 -4.09
N ALA A 10 -17.53 -21.87 -3.45
CA ALA A 10 -16.92 -20.54 -3.50
C ALA A 10 -15.49 -20.61 -2.98
N GLN A 11 -15.28 -21.33 -1.88
CA GLN A 11 -13.92 -21.56 -1.36
C GLN A 11 -13.02 -22.32 -2.35
N LEU A 12 -13.56 -23.35 -3.00
CA LEU A 12 -12.81 -24.13 -3.99
C LEU A 12 -12.42 -23.30 -5.23
N ASN A 13 -13.37 -22.51 -5.72
CA ASN A 13 -13.11 -21.58 -6.83
C ASN A 13 -11.99 -20.60 -6.49
N GLU A 14 -12.04 -20.06 -5.26
CA GLU A 14 -11.00 -19.15 -4.78
C GLU A 14 -9.67 -19.86 -4.68
N ASN A 15 -9.68 -21.04 -4.06
CA ASN A 15 -8.47 -21.86 -3.94
C ASN A 15 -7.87 -22.15 -5.30
N ALA A 16 -8.72 -22.45 -6.29
CA ALA A 16 -8.27 -22.67 -7.69
C ALA A 16 -8.16 -21.39 -8.53
N GLU A 17 -8.39 -20.23 -7.93
CA GLU A 17 -8.27 -18.91 -8.58
C GLU A 17 -9.17 -18.70 -9.83
N ARG A 18 -10.31 -19.37 -9.83
CA ARG A 18 -11.27 -19.27 -10.91
C ARG A 18 -12.39 -18.36 -10.41
N TYR A 19 -12.15 -17.06 -10.54
CA TYR A 19 -12.97 -16.03 -9.92
C TYR A 19 -14.31 -15.78 -10.64
N ASP A 20 -14.30 -15.90 -11.97
CA ASP A 20 -15.53 -15.78 -12.77
C ASP A 20 -16.59 -16.79 -12.32
N GLU A 21 -16.16 -18.03 -12.04
CA GLU A 21 -17.04 -19.05 -11.50
C GLU A 21 -17.47 -18.76 -10.05
N MET A 22 -16.52 -18.24 -9.26
CA MET A 22 -16.77 -17.80 -7.88
C MET A 22 -17.87 -16.75 -7.80
N VAL A 23 -17.79 -15.75 -8.67
CA VAL A 23 -18.84 -14.72 -8.78
C VAL A 23 -20.23 -15.33 -8.99
N GLU A 24 -20.30 -16.43 -9.76
CA GLU A 24 -21.55 -17.15 -9.96
C GLU A 24 -21.94 -17.93 -8.71
N THR A 25 -21.00 -18.72 -8.19
CA THR A 25 -21.26 -19.44 -6.93
C THR A 25 -21.72 -18.53 -5.79
N MET A 26 -21.29 -17.26 -5.79
CA MET A 26 -21.79 -16.30 -4.80
C MET A 26 -23.16 -15.75 -5.17
N ARG A 27 -23.43 -15.62 -6.47
CA ARG A 27 -24.80 -15.31 -6.94
C ARG A 27 -25.79 -16.40 -6.55
N LYS A 28 -25.36 -17.65 -6.61
CA LYS A 28 -26.19 -18.76 -6.15
C LYS A 28 -26.59 -18.63 -4.66
N ILE A 29 -25.69 -18.07 -3.85
CA ILE A 29 -25.96 -17.79 -2.43
C ILE A 29 -26.81 -16.52 -2.28
N SER A 30 -26.44 -15.45 -2.99
CA SER A 30 -27.17 -14.16 -2.95
C SER A 30 -28.70 -14.31 -3.01
N GLY A 31 -29.17 -15.28 -3.81
CA GLY A 31 -30.60 -15.56 -3.95
C GLY A 31 -31.30 -16.33 -2.84
N MET A 32 -30.56 -16.78 -1.82
CA MET A 32 -31.16 -17.53 -0.70
C MET A 32 -31.66 -16.61 0.43
N GLU A 33 -32.22 -17.22 1.48
CA GLU A 33 -32.87 -16.51 2.59
C GLU A 33 -31.86 -15.90 3.56
N GLY A 34 -32.25 -14.80 4.19
CA GLY A 34 -31.42 -14.11 5.19
C GLY A 34 -30.26 -13.32 4.60
N GLU A 35 -29.54 -12.61 5.48
CA GLU A 35 -28.34 -11.85 5.10
C GLU A 35 -27.14 -12.79 5.01
N LEU A 36 -26.05 -12.27 4.45
CA LEU A 36 -24.79 -13.03 4.35
C LEU A 36 -24.02 -12.98 5.68
N SER A 37 -23.34 -14.09 6.00
CA SER A 37 -22.46 -14.15 7.16
C SER A 37 -21.15 -13.39 6.90
N ASP A 38 -20.28 -13.28 7.91
CA ASP A 38 -18.99 -12.60 7.72
C ASP A 38 -18.10 -13.36 6.73
N LYS A 39 -18.16 -14.68 6.80
CA LYS A 39 -17.47 -15.56 5.86
C LYS A 39 -17.95 -15.29 4.44
N GLU A 40 -19.27 -15.27 4.26
CA GLU A 40 -19.88 -15.06 2.94
C GLU A 40 -19.66 -13.66 2.40
N ARG A 41 -19.75 -12.65 3.26
CA ARG A 41 -19.44 -11.27 2.86
C ARG A 41 -18.04 -11.13 2.28
N ASN A 42 -17.06 -11.81 2.88
CA ASN A 42 -15.69 -11.73 2.41
C ASN A 42 -15.51 -12.33 1.02
N LEU A 43 -15.95 -13.59 0.88
CA LEU A 43 -15.93 -14.31 -0.39
C LEU A 43 -16.55 -13.50 -1.52
N LEU A 44 -17.67 -12.84 -1.21
CA LEU A 44 -18.30 -11.91 -2.14
C LEU A 44 -17.31 -10.88 -2.64
N SER A 45 -16.63 -10.21 -1.70
CA SER A 45 -15.68 -9.15 -2.04
C SER A 45 -14.51 -9.70 -2.85
N VAL A 46 -13.97 -10.80 -2.35
CA VAL A 46 -12.87 -11.53 -3.00
C VAL A 46 -13.19 -11.91 -4.44
N ALA A 47 -14.40 -12.42 -4.65
CA ALA A 47 -14.81 -12.80 -5.99
C ALA A 47 -14.79 -11.60 -6.93
N TYR A 48 -15.57 -10.57 -6.59
CA TYR A 48 -15.69 -9.39 -7.46
C TYR A 48 -14.39 -8.62 -7.65
N LYS A 49 -13.57 -8.51 -6.59
CA LYS A 49 -12.34 -7.74 -6.76
C LYS A 49 -11.30 -8.43 -7.66
N ASN A 50 -11.26 -9.76 -7.63
CA ASN A 50 -10.38 -10.54 -8.51
C ASN A 50 -10.98 -10.83 -9.88
N VAL A 51 -12.22 -10.44 -10.08
CA VAL A 51 -12.79 -10.32 -11.43
C VAL A 51 -12.50 -8.93 -11.99
N ILE A 52 -12.75 -7.87 -11.22
CA ILE A 52 -12.49 -6.49 -11.71
C ILE A 52 -10.99 -6.13 -11.84
N GLY A 53 -10.17 -6.63 -10.92
CA GLY A 53 -8.76 -6.29 -10.84
C GLY A 53 -7.95 -6.46 -12.11
N PRO A 54 -8.07 -7.65 -12.75
CA PRO A 54 -7.40 -7.91 -14.04
C PRO A 54 -7.76 -6.89 -15.13
N ARG A 55 -9.04 -6.55 -15.20
CA ARG A 55 -9.55 -5.62 -16.19
C ARG A 55 -9.14 -4.16 -15.89
N ARG A 56 -9.18 -3.80 -14.60
CA ARG A 56 -8.56 -2.56 -14.16
C ARG A 56 -7.11 -2.51 -14.60
N ALA A 57 -6.37 -3.58 -14.33
CA ALA A 57 -4.98 -3.64 -14.77
C ALA A 57 -4.87 -3.46 -16.29
N ALA A 58 -5.68 -4.18 -17.04
CA ALA A 58 -5.64 -4.11 -18.51
C ALA A 58 -5.85 -2.69 -18.98
N TRP A 59 -6.96 -2.10 -18.54
CA TRP A 59 -7.33 -0.72 -18.93
C TRP A 59 -6.17 0.28 -18.82
N ARG A 60 -5.51 0.30 -17.66
CA ARG A 60 -4.33 1.15 -17.45
C ARG A 60 -3.21 0.85 -18.44
N ILE A 61 -2.98 -0.44 -18.70
CA ILE A 61 -1.90 -0.88 -19.59
C ILE A 61 -2.19 -0.38 -20.99
N VAL A 62 -3.42 -0.63 -21.46
CA VAL A 62 -3.81 -0.16 -22.81
C VAL A 62 -3.80 1.37 -22.91
N SER A 63 -4.54 2.04 -22.02
CA SER A 63 -4.50 3.51 -21.96
C SER A 63 -3.09 4.09 -22.12
N SER A 64 -2.18 3.52 -21.34
CA SER A 64 -0.78 3.94 -21.35
C SER A 64 -0.08 3.72 -22.69
N ILE A 65 -0.43 2.64 -23.38
CA ILE A 65 0.14 2.35 -24.71
C ILE A 65 -0.45 3.33 -25.75
N GLU A 66 -1.78 3.42 -25.73
CA GLU A 66 -2.50 4.44 -26.50
C GLU A 66 -1.86 5.80 -26.35
N ALA A 67 -1.52 6.18 -25.12
CA ALA A 67 -0.76 7.41 -24.88
C ALA A 67 0.61 7.42 -25.59
N LYS A 68 1.37 6.34 -25.45
CA LYS A 68 2.70 6.21 -26.09
C LYS A 68 2.63 6.41 -27.60
N GLU A 69 1.71 5.67 -28.24
CA GLU A 69 1.62 5.69 -29.70
C GLU A 69 1.18 7.05 -30.29
N LYS A 70 0.21 7.71 -29.66
CA LYS A 70 -0.23 9.06 -30.08
C LYS A 70 0.93 10.05 -30.05
N GLY A 71 1.71 10.00 -28.97
CA GLY A 71 2.86 10.87 -28.77
C GLY A 71 4.05 10.66 -29.70
N ARG A 72 4.10 9.51 -30.37
CA ARG A 72 5.15 9.21 -31.37
C ARG A 72 5.29 10.34 -32.40
N GLN A 73 6.50 10.50 -32.96
CA GLN A 73 6.82 11.63 -33.86
C GLN A 73 6.12 11.54 -35.22
N LYS A 74 5.90 10.31 -35.69
CA LYS A 74 5.10 10.05 -36.89
C LYS A 74 4.08 8.95 -36.60
N PRO A 75 2.98 9.29 -35.89
CA PRO A 75 2.03 8.26 -35.47
C PRO A 75 1.36 7.51 -36.62
N ASN A 76 0.96 6.28 -36.33
CA ASN A 76 0.23 5.40 -37.24
C ASN A 76 -1.24 5.47 -36.84
N ALA A 77 -2.11 5.98 -37.69
CA ALA A 77 -3.53 6.15 -37.32
C ALA A 77 -4.32 4.85 -37.08
N LYS A 78 -4.16 3.85 -37.95
CA LYS A 78 -4.92 2.58 -37.84
C LYS A 78 -4.66 1.82 -36.52
N ARG A 79 -3.43 1.94 -36.03
CA ARG A 79 -3.00 1.39 -34.73
C ARG A 79 -3.71 2.10 -33.56
N ILE A 80 -3.66 3.43 -33.59
CA ILE A 80 -4.34 4.29 -32.59
C ILE A 80 -5.84 3.99 -32.61
N GLU A 81 -6.39 3.84 -33.81
CA GLU A 81 -7.77 3.40 -34.00
C GLU A 81 -8.00 2.02 -33.33
N GLN A 82 -7.16 1.04 -33.66
CA GLN A 82 -7.34 -0.35 -33.17
C GLN A 82 -7.12 -0.56 -31.64
N ILE A 83 -6.19 0.20 -31.07
CA ILE A 83 -6.02 0.27 -29.61
C ILE A 83 -7.29 0.81 -28.94
N ARG A 84 -7.70 2.01 -29.37
CA ARG A 84 -8.88 2.71 -28.83
C ARG A 84 -10.17 1.88 -28.87
N VAL A 85 -10.32 1.02 -29.90
CA VAL A 85 -11.45 0.06 -29.95
C VAL A 85 -11.31 -0.97 -28.84
N TYR A 86 -10.08 -1.46 -28.65
CA TYR A 86 -9.75 -2.46 -27.63
C TYR A 86 -9.97 -1.93 -26.21
N ARG A 87 -9.44 -0.74 -25.92
CA ARG A 87 -9.71 -0.07 -24.62
C ARG A 87 -11.22 -0.02 -24.34
N GLN A 88 -11.98 0.40 -25.34
CA GLN A 88 -13.45 0.39 -25.25
C GLN A 88 -14.03 -1.02 -24.99
N LYS A 89 -13.40 -2.06 -25.55
CA LYS A 89 -13.80 -3.45 -25.28
C LYS A 89 -13.71 -3.81 -23.80
N ILE A 90 -12.59 -3.43 -23.20
CA ILE A 90 -12.32 -3.68 -21.77
C ILE A 90 -13.23 -2.80 -20.91
N GLU A 91 -13.30 -1.51 -21.27
CA GLU A 91 -14.27 -0.58 -20.67
C GLU A 91 -15.67 -1.16 -20.66
N LYS A 92 -16.07 -1.79 -21.76
CA LYS A 92 -17.33 -2.53 -21.81
C LYS A 92 -17.35 -3.57 -20.67
N GLU A 93 -16.32 -4.42 -20.60
CA GLU A 93 -16.27 -5.51 -19.62
C GLU A 93 -16.37 -5.00 -18.18
N LEU A 94 -15.60 -3.94 -17.87
CA LEU A 94 -15.60 -3.32 -16.52
C LEU A 94 -17.02 -2.93 -16.05
N SER A 95 -17.67 -2.03 -16.79
CA SER A 95 -19.02 -1.54 -16.46
C SER A 95 -20.05 -2.65 -16.26
N ASP A 96 -19.93 -3.74 -17.01
CA ASP A 96 -20.80 -4.91 -16.82
C ASP A 96 -20.62 -5.43 -15.40
N ILE A 97 -19.34 -5.58 -15.01
CA ILE A 97 -18.98 -6.13 -13.71
C ILE A 97 -19.36 -5.17 -12.59
N CYS A 98 -19.16 -3.87 -12.79
CA CYS A 98 -19.59 -2.88 -11.81
C CYS A 98 -21.11 -2.82 -11.65
N ASN A 99 -21.83 -2.78 -12.76
CA ASN A 99 -23.30 -2.76 -12.70
C ASN A 99 -23.82 -4.03 -12.04
N ASP A 100 -23.35 -5.17 -12.53
CA ASP A 100 -23.73 -6.46 -11.97
C ASP A 100 -23.83 -6.39 -10.44
N ILE A 101 -22.73 -5.97 -9.80
CA ILE A 101 -22.66 -5.91 -8.32
C ILE A 101 -23.40 -4.69 -7.74
N LEU A 102 -23.22 -3.50 -8.31
CA LEU A 102 -23.91 -2.32 -7.81
C LEU A 102 -25.41 -2.58 -7.70
N LYS A 103 -25.96 -3.15 -8.77
CA LYS A 103 -27.34 -3.63 -8.77
C LYS A 103 -27.66 -4.47 -7.52
N LEU A 104 -26.83 -5.49 -7.30
CA LEU A 104 -27.00 -6.37 -6.12
C LEU A 104 -26.94 -5.61 -4.80
N LEU A 105 -26.04 -4.64 -4.73
CA LEU A 105 -25.92 -3.82 -3.52
C LEU A 105 -27.20 -3.02 -3.31
N GLN A 106 -27.60 -2.24 -4.34
CA GLN A 106 -28.85 -1.45 -4.27
C GLN A 106 -30.08 -2.28 -3.95
N GLU A 107 -30.31 -3.34 -4.73
CA GLU A 107 -31.56 -4.11 -4.63
C GLU A 107 -31.56 -5.18 -3.55
N GLN A 108 -30.46 -5.93 -3.44
CA GLN A 108 -30.42 -7.12 -2.60
C GLN A 108 -29.77 -6.87 -1.23
N PHE A 109 -28.55 -6.33 -1.24
CA PHE A 109 -27.68 -6.38 -0.06
C PHE A 109 -27.87 -5.24 0.92
N VAL A 110 -27.94 -4.00 0.41
CA VAL A 110 -28.14 -2.84 1.31
C VAL A 110 -29.48 -2.92 2.08
N PRO A 111 -30.62 -3.04 1.36
CA PRO A 111 -31.91 -3.13 2.07
C PRO A 111 -32.03 -4.24 3.11
N ARG A 112 -31.59 -5.45 2.80
CA ARG A 112 -31.74 -6.60 3.70
C ARG A 112 -30.83 -6.59 4.95
N SER A 113 -29.81 -5.72 4.98
CA SER A 113 -28.85 -5.67 6.10
C SER A 113 -29.39 -4.94 7.35
N THR A 114 -29.05 -5.45 8.52
CA THR A 114 -29.58 -4.96 9.80
C THR A 114 -28.48 -4.41 10.74
N ASN A 115 -27.45 -5.22 11.00
CA ASN A 115 -26.25 -4.80 11.75
C ASN A 115 -25.38 -3.80 10.98
N ALA A 116 -24.67 -2.95 11.72
CA ALA A 116 -23.84 -1.88 11.14
C ALA A 116 -22.61 -2.39 10.41
N ASP A 117 -21.90 -3.34 11.04
CA ASP A 117 -20.70 -3.96 10.43
C ASP A 117 -20.92 -4.64 9.07
N ALA A 118 -22.17 -4.99 8.77
CA ALA A 118 -22.58 -5.36 7.42
C ALA A 118 -22.90 -4.11 6.58
N LYS A 119 -23.63 -3.15 7.14
CA LYS A 119 -23.98 -1.93 6.41
C LYS A 119 -22.78 -1.16 5.90
N VAL A 120 -21.71 -1.08 6.69
CA VAL A 120 -20.49 -0.37 6.28
C VAL A 120 -19.82 -1.09 5.10
N PHE A 121 -19.77 -2.41 5.18
CA PHE A 121 -19.28 -3.27 4.10
C PHE A 121 -19.98 -2.97 2.76
N TYR A 122 -21.30 -3.05 2.78
CA TYR A 122 -22.11 -2.91 1.56
C TYR A 122 -22.13 -1.49 0.99
N TYR A 123 -22.00 -0.48 1.83
CA TYR A 123 -21.81 0.89 1.32
C TYR A 123 -20.38 1.08 0.80
N LYS A 124 -19.39 0.73 1.61
CA LYS A 124 -17.99 0.76 1.17
C LYS A 124 -17.81 0.12 -0.20
N MET A 125 -18.44 -1.05 -0.37
CA MET A 125 -18.45 -1.73 -1.68
C MET A 125 -19.03 -0.86 -2.80
N GLN A 126 -20.20 -0.26 -2.55
CA GLN A 126 -20.83 0.65 -3.52
C GLN A 126 -19.85 1.75 -3.90
N GLY A 127 -19.34 2.42 -2.87
CA GLY A 127 -18.29 3.39 -3.06
C GLY A 127 -17.18 2.86 -3.96
N ASP A 128 -16.63 1.70 -3.61
CA ASP A 128 -15.50 1.12 -4.38
C ASP A 128 -15.89 0.92 -5.85
N TYR A 129 -16.99 0.21 -6.10
CA TYR A 129 -17.38 -0.08 -7.48
C TYR A 129 -17.90 1.13 -8.27
N TYR A 130 -18.33 2.20 -7.60
CA TYR A 130 -18.51 3.50 -8.30
C TYR A 130 -17.16 4.11 -8.65
N ARG A 131 -16.30 4.19 -7.63
CA ARG A 131 -14.92 4.66 -7.80
C ARG A 131 -14.20 3.97 -8.97
N TYR A 132 -14.42 2.67 -9.13
CA TYR A 132 -13.82 1.96 -10.26
C TYR A 132 -14.39 2.42 -11.60
N LEU A 133 -15.68 2.76 -11.65
CA LEU A 133 -16.28 3.36 -12.86
C LEU A 133 -15.71 4.75 -13.10
N ALA A 134 -15.58 5.54 -12.04
CA ALA A 134 -14.97 6.88 -12.18
C ALA A 134 -13.51 6.88 -12.71
N GLU A 135 -12.81 5.76 -12.60
CA GLU A 135 -11.42 5.66 -13.08
C GLU A 135 -11.25 5.78 -14.59
N TYR A 136 -12.30 5.49 -15.35
CA TYR A 136 -12.24 5.59 -16.82
C TYR A 136 -13.36 6.39 -17.51
N SER A 137 -14.23 7.04 -16.74
CA SER A 137 -15.33 7.80 -17.31
C SER A 137 -14.89 9.21 -17.68
N SER A 138 -15.52 9.76 -18.72
CA SER A 138 -15.30 11.16 -19.12
C SER A 138 -16.06 12.12 -18.20
N GLY A 139 -15.55 13.34 -18.11
CA GLY A 139 -15.93 14.34 -17.11
C GLY A 139 -17.38 14.46 -16.63
N GLU A 140 -18.30 14.71 -17.55
CA GLU A 140 -19.69 15.02 -17.19
C GLU A 140 -20.44 13.83 -16.56
N ASP A 141 -20.19 12.62 -17.06
CA ASP A 141 -20.79 11.40 -16.52
C ASP A 141 -20.00 10.92 -15.31
N LYS A 142 -18.67 11.06 -15.38
CA LYS A 142 -17.79 10.82 -14.23
C LYS A 142 -18.27 11.60 -13.00
N GLU A 143 -18.48 12.91 -13.16
CA GLU A 143 -19.00 13.78 -12.09
C GLU A 143 -20.26 13.22 -11.41
N LYS A 144 -21.21 12.71 -12.21
CA LYS A 144 -22.39 12.04 -11.67
C LYS A 144 -22.03 10.79 -10.86
N ILE A 145 -21.04 10.03 -11.31
CA ILE A 145 -20.59 8.79 -10.64
C ILE A 145 -19.90 9.10 -9.30
N ALA A 146 -18.93 10.02 -9.36
CA ALA A 146 -18.30 10.58 -8.15
C ALA A 146 -19.31 10.98 -7.07
N GLY A 147 -20.40 11.62 -7.51
CA GLY A 147 -21.53 11.93 -6.63
C GLY A 147 -22.10 10.70 -5.95
N SER A 148 -22.33 9.64 -6.72
CA SER A 148 -22.84 8.38 -6.16
C SER A 148 -21.83 7.70 -5.23
N ALA A 149 -20.55 7.77 -5.58
CA ALA A 149 -19.48 7.26 -4.70
C ALA A 149 -19.48 8.00 -3.37
N LEU A 150 -19.29 9.32 -3.45
CA LEU A 150 -19.28 10.17 -2.25
C LEU A 150 -20.42 9.87 -1.28
N ASN A 151 -21.61 9.58 -1.81
CA ASN A 151 -22.77 9.25 -0.98
C ASN A 151 -22.62 7.91 -0.31
N ALA A 152 -22.15 6.91 -1.04
CA ALA A 152 -21.94 5.56 -0.50
C ALA A 152 -20.87 5.58 0.57
N TYR A 153 -19.77 6.26 0.27
CA TYR A 153 -18.71 6.44 1.24
C TYR A 153 -19.15 7.27 2.46
N ASN A 154 -19.93 8.34 2.26
CA ASN A 154 -20.47 9.10 3.42
C ASN A 154 -21.43 8.26 4.26
N SER A 155 -22.36 7.57 3.60
CA SER A 155 -23.24 6.61 4.27
C SER A 155 -22.45 5.56 5.05
N ALA A 156 -21.36 5.05 4.46
CA ALA A 156 -20.50 4.09 5.17
C ALA A 156 -19.80 4.73 6.38
N PHE A 157 -19.29 5.94 6.17
CA PHE A 157 -18.51 6.65 7.18
C PHE A 157 -19.34 7.07 8.38
N GLU A 158 -20.55 7.57 8.12
CA GLU A 158 -21.53 7.87 9.17
C GLU A 158 -21.65 6.68 10.12
N ILE A 159 -22.02 5.53 9.56
CA ILE A 159 -22.29 4.30 10.33
C ILE A 159 -21.03 3.67 10.94
N SER A 160 -19.89 3.75 10.25
CA SER A 160 -18.62 3.19 10.77
C SER A 160 -18.29 3.66 12.20
N GLN A 161 -18.74 4.86 12.55
CA GLN A 161 -18.51 5.40 13.91
C GLN A 161 -18.96 4.46 15.04
N GLN A 162 -19.99 3.66 14.79
CA GLN A 162 -20.42 2.63 15.74
C GLN A 162 -19.36 1.53 15.96
N LEU A 163 -18.62 1.18 14.91
CA LEU A 163 -17.61 0.12 15.03
C LEU A 163 -16.39 0.66 15.77
N PRO A 164 -15.62 -0.23 16.42
CA PRO A 164 -14.37 0.18 17.05
C PRO A 164 -13.37 0.75 16.06
N PRO A 165 -12.62 1.78 16.44
CA PRO A 165 -11.64 2.39 15.55
C PRO A 165 -10.71 1.42 14.81
N THR A 166 -10.35 0.30 15.45
CA THR A 166 -9.46 -0.72 14.86
C THR A 166 -10.20 -1.81 14.02
N HIS A 167 -11.52 -1.66 13.85
CA HIS A 167 -12.30 -2.61 13.06
C HIS A 167 -11.85 -2.56 11.60
N PRO A 168 -11.41 -3.71 11.05
CA PRO A 168 -10.83 -3.75 9.70
C PRO A 168 -11.70 -3.09 8.65
N ILE A 169 -13.00 -3.35 8.70
CA ILE A 169 -14.01 -2.64 7.89
C ILE A 169 -13.95 -1.11 8.05
N ARG A 170 -13.98 -0.64 9.30
CA ARG A 170 -13.87 0.78 9.58
C ARG A 170 -12.56 1.37 9.04
N LEU A 171 -11.44 0.66 9.22
CA LEU A 171 -10.15 1.13 8.66
C LEU A 171 -10.04 0.97 7.15
N GLY A 172 -10.60 -0.12 6.64
CA GLY A 172 -10.67 -0.37 5.22
C GLY A 172 -11.47 0.69 4.50
N LEU A 173 -12.56 1.17 5.11
CA LEU A 173 -13.31 2.29 4.54
C LEU A 173 -12.43 3.52 4.40
N ALA A 174 -12.00 4.08 5.54
CA ALA A 174 -11.15 5.29 5.56
C ALA A 174 -10.06 5.26 4.49
N LEU A 175 -9.42 4.11 4.34
CA LEU A 175 -8.38 3.93 3.34
C LEU A 175 -8.89 4.19 1.93
N ASN A 176 -9.97 3.51 1.57
CA ASN A 176 -10.53 3.60 0.21
C ASN A 176 -11.18 4.96 -0.05
N PHE A 177 -11.78 5.51 1.00
CA PHE A 177 -12.44 6.79 0.96
C PHE A 177 -11.42 7.94 0.88
N SER A 178 -10.26 7.81 1.52
CA SER A 178 -9.18 8.77 1.30
C SER A 178 -8.63 8.67 -0.15
N VAL A 179 -8.46 7.43 -0.60
CA VAL A 179 -8.01 7.14 -1.96
C VAL A 179 -8.99 7.73 -2.99
N PHE A 180 -10.28 7.69 -2.69
CA PHE A 180 -11.29 8.38 -3.51
C PHE A 180 -10.96 9.87 -3.63
N TYR A 181 -10.91 10.55 -2.48
CA TYR A 181 -10.57 11.98 -2.42
C TYR A 181 -9.26 12.34 -3.10
N TYR A 182 -8.26 11.47 -2.99
CA TYR A 182 -6.98 11.74 -3.64
C TYR A 182 -7.03 11.48 -5.15
N GLU A 183 -7.62 10.37 -5.57
CA GLU A 183 -7.54 9.90 -6.97
C GLU A 183 -8.66 10.38 -7.89
N ILE A 184 -9.92 10.32 -7.44
CA ILE A 184 -11.08 10.63 -8.31
C ILE A 184 -11.45 12.11 -8.29
N LEU A 185 -11.49 12.67 -7.09
CA LEU A 185 -11.48 14.12 -6.92
C LEU A 185 -9.98 14.41 -6.89
N ALA A 186 -9.59 15.64 -6.64
CA ALA A 186 -8.17 15.92 -6.52
C ALA A 186 -8.01 16.72 -5.27
N SER A 187 -8.35 16.09 -4.14
CA SER A 187 -8.27 16.76 -2.83
C SER A 187 -7.28 16.02 -1.94
N PRO A 188 -5.99 16.37 -2.03
CA PRO A 188 -5.00 15.82 -1.09
C PRO A 188 -5.27 16.16 0.40
N ASP A 189 -5.65 17.42 0.65
CA ASP A 189 -5.99 17.91 1.99
C ASP A 189 -7.01 17.01 2.68
N ARG A 190 -8.11 16.76 1.97
CA ARG A 190 -9.24 15.98 2.47
C ARG A 190 -8.81 14.54 2.74
N ALA A 191 -8.02 13.99 1.81
CA ALA A 191 -7.53 12.62 1.89
C ALA A 191 -6.62 12.43 3.10
N CYS A 192 -5.61 13.30 3.20
CA CYS A 192 -4.73 13.29 4.39
C CYS A 192 -5.48 13.50 5.71
N GLU A 193 -6.36 14.51 5.70
CA GLU A 193 -7.22 14.78 6.86
C GLU A 193 -8.02 13.53 7.25
N LEU A 194 -8.61 12.86 6.26
CA LEU A 194 -9.40 11.64 6.50
C LEU A 194 -8.56 10.46 6.97
N ALA A 195 -7.41 10.25 6.34
CA ALA A 195 -6.55 9.13 6.69
C ALA A 195 -5.94 9.30 8.08
N ARG A 196 -5.44 10.52 8.38
CA ARG A 196 -4.90 10.79 9.74
C ARG A 196 -5.90 10.56 10.85
N LYS A 197 -7.16 10.93 10.62
CA LYS A 197 -8.19 10.73 11.63
C LYS A 197 -8.37 9.26 11.97
N ALA A 198 -8.49 8.42 10.94
CA ALA A 198 -8.66 6.98 11.12
C ALA A 198 -7.42 6.33 11.69
N PHE A 199 -6.26 6.68 11.12
CA PHE A 199 -4.98 6.21 11.69
C PHE A 199 -4.83 6.57 13.18
N ASP A 200 -4.91 7.86 13.50
CA ASP A 200 -4.82 8.33 14.88
C ASP A 200 -5.87 7.70 15.78
N ALA A 201 -7.09 7.56 15.26
CA ALA A 201 -8.18 6.96 16.04
C ALA A 201 -7.91 5.49 16.30
N ALA A 202 -7.32 4.79 15.33
CA ALA A 202 -6.87 3.41 15.56
C ALA A 202 -5.81 3.36 16.69
N ILE A 203 -4.82 4.24 16.61
CA ILE A 203 -3.74 4.24 17.62
C ILE A 203 -4.29 4.32 19.05
N THR A 204 -5.37 5.07 19.27
CA THR A 204 -5.96 5.18 20.60
C THR A 204 -6.60 3.89 21.10
N ASP A 205 -7.27 3.20 20.19
CA ASP A 205 -7.99 1.96 20.47
C ASP A 205 -7.16 0.73 20.21
N LEU A 206 -5.89 0.93 19.93
CA LEU A 206 -5.00 -0.18 19.61
C LEU A 206 -4.96 -1.14 20.76
N ASP A 207 -4.87 -0.61 21.97
CA ASP A 207 -4.83 -1.43 23.18
C ASP A 207 -6.07 -2.26 23.44
N LYS A 208 -7.23 -1.65 23.27
CA LYS A 208 -8.50 -2.30 23.55
C LYS A 208 -8.86 -3.52 22.72
N LEU A 209 -8.61 -3.46 21.42
CA LEU A 209 -8.95 -4.58 20.55
C LEU A 209 -7.75 -5.19 19.84
N THR A 210 -8.00 -5.70 18.63
CA THR A 210 -6.99 -6.30 17.78
C THR A 210 -6.33 -7.57 18.33
N GLU A 211 -7.10 -8.37 19.07
CA GLU A 211 -6.59 -9.62 19.62
C GLU A 211 -6.19 -10.69 18.59
N GLU A 212 -7.06 -10.95 17.62
CA GLU A 212 -6.76 -11.95 16.59
C GLU A 212 -6.92 -11.32 15.21
N SER A 213 -7.50 -10.14 15.19
CA SER A 213 -7.74 -9.37 13.99
C SER A 213 -6.58 -8.39 13.81
N TYR A 214 -5.51 -8.60 14.56
CA TYR A 214 -4.35 -7.77 14.56
C TYR A 214 -3.75 -7.72 13.17
N LYS A 215 -3.69 -8.86 12.49
CA LYS A 215 -3.12 -8.88 11.16
C LYS A 215 -3.90 -8.08 10.13
N ASP A 216 -5.22 -8.22 10.12
CA ASP A 216 -6.05 -7.50 9.16
C ASP A 216 -6.08 -5.99 9.38
N SER A 217 -6.20 -5.59 10.63
CA SER A 217 -6.25 -4.19 11.00
C SER A 217 -4.89 -3.55 10.86
N THR A 218 -3.88 -4.30 11.27
CA THR A 218 -2.51 -3.83 11.21
C THR A 218 -2.04 -3.60 9.79
N LEU A 219 -2.44 -4.47 8.88
CA LEU A 219 -2.04 -4.32 7.50
C LEU A 219 -2.60 -3.05 6.91
N ILE A 220 -3.87 -2.77 7.18
CA ILE A 220 -4.51 -1.57 6.68
C ILE A 220 -3.88 -0.31 7.25
N MET A 221 -3.56 -0.34 8.52
CA MET A 221 -2.96 0.81 9.17
C MET A 221 -1.65 1.10 8.49
N GLN A 222 -0.95 0.05 8.12
CA GLN A 222 0.33 0.20 7.43
C GLN A 222 0.06 0.91 6.12
N LEU A 223 -1.02 0.53 5.44
CA LEU A 223 -1.38 1.14 4.17
C LEU A 223 -1.71 2.62 4.32
N LEU A 224 -2.44 2.97 5.36
CA LEU A 224 -2.81 4.36 5.62
C LEU A 224 -1.60 5.24 5.79
N ARG A 225 -0.64 4.75 6.58
CA ARG A 225 0.61 5.47 6.82
C ARG A 225 1.43 5.57 5.54
N ASP A 226 1.54 4.46 4.81
CA ASP A 226 2.20 4.48 3.50
C ASP A 226 1.67 5.60 2.60
N ASN A 227 0.34 5.67 2.44
CA ASN A 227 -0.30 6.78 1.73
C ASN A 227 0.05 8.14 2.37
N LEU A 228 -0.24 8.28 3.65
CA LEU A 228 0.01 9.54 4.36
C LEU A 228 1.42 10.07 4.15
N ASN A 229 2.42 9.19 4.19
CA ASN A 229 3.82 9.60 3.94
C ASN A 229 4.11 10.01 2.50
N LEU A 230 3.37 9.42 1.55
CA LEU A 230 3.44 9.84 0.16
C LEU A 230 2.81 11.22 0.01
N TRP A 231 1.64 11.42 0.63
CA TRP A 231 0.81 12.62 0.35
C TRP A 231 1.12 13.90 1.12
N VAL A 232 2.12 13.92 2.01
CA VAL A 232 2.47 15.14 2.80
C VAL A 232 3.16 16.25 1.97
N THR A 233 3.53 15.96 0.72
CA THR A 233 3.91 17.00 -0.27
C THR A 233 2.96 18.20 -0.27
N ASP A 234 1.66 17.96 -0.07
CA ASP A 234 0.68 19.05 0.05
C ASP A 234 0.77 19.72 1.42
N THR B 2 6.83 43.28 21.25
CA THR B 2 5.66 43.42 22.17
C THR B 2 4.95 42.07 22.38
N ARG B 3 3.88 42.06 23.18
CA ARG B 3 3.13 40.84 23.48
C ARG B 3 2.48 40.17 22.26
N GLU B 4 1.83 40.94 21.40
CA GLU B 4 1.20 40.38 20.18
C GLU B 4 2.23 39.73 19.26
N ASP B 5 3.41 40.34 19.14
CA ASP B 5 4.50 39.83 18.31
C ASP B 5 4.82 38.36 18.61
N TYR B 6 4.79 37.99 19.89
CA TYR B 6 4.91 36.59 20.29
C TYR B 6 3.67 35.78 19.95
N VAL B 7 2.46 36.33 20.14
CA VAL B 7 1.22 35.62 19.78
C VAL B 7 1.27 35.23 18.29
N PHE B 8 1.73 36.16 17.46
CA PHE B 8 1.97 35.89 16.06
C PHE B 8 3.06 34.84 15.82
N MET B 9 4.06 34.74 16.70
CA MET B 9 5.01 33.63 16.63
C MET B 9 4.35 32.30 16.96
N ALA B 10 3.67 32.21 18.12
CA ALA B 10 2.92 31.00 18.50
C ALA B 10 1.96 30.54 17.39
N GLN B 11 1.17 31.49 16.89
CA GLN B 11 0.32 31.26 15.71
C GLN B 11 1.09 30.71 14.49
N LEU B 12 2.32 31.18 14.31
CA LEU B 12 3.15 30.70 13.20
C LEU B 12 3.65 29.28 13.45
N ASN B 13 4.23 29.05 14.57
CA ASN B 13 4.64 27.73 15.03
C ASN B 13 3.51 26.71 14.88
N GLU B 14 2.30 27.10 15.35
CA GLU B 14 1.10 26.29 15.11
C GLU B 14 0.87 26.02 13.63
N ASN B 15 1.06 27.03 12.78
CA ASN B 15 0.90 26.86 11.32
C ASN B 15 1.93 25.94 10.67
N ALA B 16 3.18 26.02 11.16
CA ALA B 16 4.25 25.13 10.71
C ALA B 16 4.16 23.73 11.35
N GLU B 17 3.37 23.64 12.43
CA GLU B 17 3.21 22.42 13.20
C GLU B 17 4.50 22.11 13.94
N ARG B 18 5.17 23.17 14.40
CA ARG B 18 6.40 23.03 15.17
C ARG B 18 6.05 23.36 16.60
N TYR B 19 5.43 22.39 17.25
CA TYR B 19 4.76 22.60 18.54
C TYR B 19 5.73 22.65 19.73
N ASP B 20 6.85 21.94 19.61
CA ASP B 20 7.91 22.03 20.63
C ASP B 20 8.40 23.48 20.79
N GLU B 21 8.53 24.20 19.67
CA GLU B 21 8.82 25.64 19.69
C GLU B 21 7.65 26.46 20.22
N MET B 22 6.46 26.16 19.71
CA MET B 22 5.22 26.78 20.18
C MET B 22 5.13 26.76 21.72
N VAL B 23 5.49 25.63 22.33
CA VAL B 23 5.50 25.54 23.81
C VAL B 23 6.43 26.59 24.45
N GLU B 24 7.59 26.82 23.82
CA GLU B 24 8.55 27.85 24.27
C GLU B 24 7.97 29.24 24.04
N THR B 25 7.51 29.51 22.83
CA THR B 25 6.86 30.79 22.54
C THR B 25 5.73 31.08 23.53
N MET B 26 5.02 30.05 23.99
CA MET B 26 4.00 30.25 25.04
C MET B 26 4.58 30.49 26.44
N ARG B 27 5.74 29.92 26.74
CA ARG B 27 6.41 30.17 28.03
C ARG B 27 6.76 31.64 28.25
N LYS B 28 7.23 32.31 27.18
CA LYS B 28 7.51 33.76 27.21
C LYS B 28 6.24 34.57 27.50
N ILE B 29 5.18 34.30 26.74
CA ILE B 29 3.89 34.94 26.93
C ILE B 29 3.29 34.61 28.33
N SER B 30 3.61 33.45 28.88
CA SER B 30 3.27 33.14 30.28
C SER B 30 4.14 33.94 31.26
N GLY B 31 5.36 34.25 30.83
CA GLY B 31 6.28 35.12 31.58
C GLY B 31 5.98 36.61 31.59
N MET B 32 5.05 37.05 30.74
CA MET B 32 4.57 38.45 30.75
C MET B 32 3.50 38.69 31.83
N GLU B 33 2.99 39.93 31.91
CA GLU B 33 2.05 40.33 32.97
C GLU B 33 0.61 39.92 32.71
N GLY B 34 -0.18 39.97 33.78
CA GLY B 34 -1.61 39.70 33.72
C GLY B 34 -1.94 38.24 33.56
N GLU B 35 -3.16 37.97 33.08
CA GLU B 35 -3.62 36.63 32.76
C GLU B 35 -3.56 36.42 31.25
N LEU B 36 -3.61 35.15 30.85
CA LEU B 36 -3.67 34.79 29.43
C LEU B 36 -5.08 35.05 28.90
N SER B 37 -5.15 35.71 27.75
CA SER B 37 -6.42 35.95 27.09
C SER B 37 -7.04 34.64 26.59
N ASP B 38 -8.29 34.74 26.18
CA ASP B 38 -9.06 33.60 25.65
C ASP B 38 -8.34 32.99 24.44
N LYS B 39 -7.91 33.85 23.53
CA LYS B 39 -7.10 33.46 22.38
C LYS B 39 -5.88 32.66 22.81
N GLU B 40 -5.19 33.17 23.83
CA GLU B 40 -3.91 32.61 24.30
C GLU B 40 -4.09 31.27 25.01
N ARG B 41 -5.01 31.23 25.98
CA ARG B 41 -5.34 29.97 26.69
C ARG B 41 -5.52 28.76 25.75
N ASN B 42 -6.20 28.98 24.62
CA ASN B 42 -6.35 27.96 23.58
C ASN B 42 -5.01 27.59 22.93
N LEU B 43 -4.21 28.60 22.58
CA LEU B 43 -2.87 28.36 22.01
C LEU B 43 -1.98 27.58 22.96
N LEU B 44 -2.12 27.84 24.27
CA LEU B 44 -1.38 27.08 25.29
C LEU B 44 -1.70 25.60 25.24
N SER B 45 -2.98 25.25 25.44
CA SER B 45 -3.41 23.85 25.42
C SER B 45 -3.16 23.17 24.06
N VAL B 46 -3.39 23.92 22.97
CA VAL B 46 -3.03 23.44 21.62
C VAL B 46 -1.53 23.15 21.52
N ALA B 47 -0.70 24.03 22.08
CA ALA B 47 0.75 23.82 22.07
C ALA B 47 1.11 22.59 22.89
N TYR B 48 0.69 22.56 24.15
CA TYR B 48 1.03 21.45 25.03
C TYR B 48 0.48 20.08 24.58
N LYS B 49 -0.74 20.05 24.06
CA LYS B 49 -1.35 18.78 23.63
C LYS B 49 -0.65 18.16 22.41
N ASN B 50 -0.24 19.00 21.48
CA ASN B 50 0.43 18.51 20.27
C ASN B 50 1.92 18.20 20.46
N VAL B 51 2.42 18.35 21.68
CA VAL B 51 3.72 17.80 22.07
C VAL B 51 3.52 16.44 22.73
N ILE B 52 2.60 16.35 23.70
CA ILE B 52 2.33 15.09 24.38
C ILE B 52 1.70 14.01 23.45
N GLY B 53 0.77 14.45 22.62
CA GLY B 53 -0.02 13.56 21.75
C GLY B 53 0.75 12.53 20.93
N PRO B 54 1.86 12.96 20.30
CA PRO B 54 2.82 12.05 19.63
C PRO B 54 3.49 11.04 20.59
N ARG B 55 3.88 11.51 21.77
CA ARG B 55 4.47 10.62 22.78
C ARG B 55 3.45 9.60 23.27
N ARG B 56 2.22 10.03 23.56
CA ARG B 56 1.15 9.06 23.90
C ARG B 56 0.97 8.03 22.77
N ALA B 57 1.00 8.48 21.52
CA ALA B 57 0.85 7.60 20.38
C ALA B 57 1.97 6.57 20.36
N ALA B 58 3.21 7.07 20.40
CA ALA B 58 4.38 6.20 20.51
C ALA B 58 4.22 5.17 21.64
N TRP B 59 3.90 5.66 22.84
CA TRP B 59 3.71 4.79 23.99
C TRP B 59 2.67 3.72 23.73
N ARG B 60 1.50 4.13 23.25
CA ARG B 60 0.40 3.21 22.99
C ARG B 60 0.76 2.19 21.92
N ILE B 61 1.55 2.61 20.94
CA ILE B 61 2.04 1.68 19.94
C ILE B 61 3.01 0.67 20.56
N VAL B 62 4.08 1.17 21.17
CA VAL B 62 5.08 0.30 21.82
C VAL B 62 4.40 -0.69 22.77
N SER B 63 3.56 -0.17 23.67
CA SER B 63 2.74 -1.01 24.55
C SER B 63 1.98 -2.17 23.86
N SER B 64 1.52 -1.97 22.63
CA SER B 64 0.86 -3.05 21.86
C SER B 64 1.87 -4.09 21.34
N ILE B 65 3.08 -3.63 21.04
CA ILE B 65 4.14 -4.49 20.52
C ILE B 65 4.75 -5.33 21.66
N GLU B 66 4.99 -4.68 22.80
CA GLU B 66 5.36 -5.36 24.06
C GLU B 66 4.42 -6.54 24.37
N ALA B 67 3.13 -6.28 24.34
CA ALA B 67 2.13 -7.30 24.66
C ALA B 67 2.02 -8.37 23.57
N LYS B 68 2.22 -7.98 22.30
CA LYS B 68 2.24 -8.93 21.18
C LYS B 68 3.43 -9.87 21.31
N GLU B 69 4.62 -9.31 21.55
CA GLU B 69 5.80 -10.14 21.77
C GLU B 69 5.75 -10.95 23.06
N LYS B 70 5.10 -10.41 24.10
CA LYS B 70 4.94 -11.15 25.37
C LYS B 70 4.11 -12.41 25.22
N GLY B 71 2.97 -12.32 24.54
CA GLY B 71 2.01 -13.43 24.46
C GLY B 71 2.23 -14.42 23.33
N ARG B 72 3.49 -14.79 23.11
CA ARG B 72 3.94 -15.57 21.97
C ARG B 72 4.46 -16.92 22.50
N GLN B 73 4.53 -17.92 21.63
CA GLN B 73 5.27 -19.16 21.94
C GLN B 73 6.74 -18.89 21.61
N LYS B 74 7.65 -19.25 22.50
CA LYS B 74 9.04 -18.79 22.43
C LYS B 74 9.10 -17.24 22.37
N PRO B 75 8.74 -16.57 23.50
CA PRO B 75 8.97 -15.11 23.59
C PRO B 75 10.46 -14.73 23.63
N ASN B 76 10.83 -13.59 23.04
CA ASN B 76 12.23 -13.14 23.00
C ASN B 76 12.55 -12.09 24.09
N ALA B 77 12.95 -12.61 25.25
CA ALA B 77 13.31 -11.82 26.42
C ALA B 77 14.25 -10.67 26.11
N LYS B 78 15.20 -10.90 25.20
CA LYS B 78 16.13 -9.86 24.76
C LYS B 78 15.41 -8.70 24.09
N ARG B 79 14.45 -9.00 23.19
CA ARG B 79 13.65 -7.93 22.57
C ARG B 79 12.77 -7.28 23.61
N ILE B 80 11.97 -8.12 24.28
CA ILE B 80 11.11 -7.65 25.38
C ILE B 80 11.85 -6.68 26.32
N GLU B 81 13.12 -6.97 26.60
CA GLU B 81 13.97 -6.07 27.41
C GLU B 81 14.19 -4.70 26.78
N GLN B 82 14.60 -4.66 25.50
CA GLN B 82 14.88 -3.37 24.82
C GLN B 82 13.58 -2.57 24.55
N ILE B 83 12.50 -3.29 24.25
CA ILE B 83 11.16 -2.69 24.21
C ILE B 83 10.82 -2.07 25.57
N ARG B 84 10.93 -2.87 26.64
CA ARG B 84 10.62 -2.39 28.00
C ARG B 84 11.38 -1.11 28.38
N VAL B 85 12.65 -0.98 28.00
CA VAL B 85 13.38 0.30 28.19
C VAL B 85 12.86 1.36 27.23
N TYR B 86 12.70 0.99 25.95
CA TYR B 86 12.26 1.97 24.94
C TYR B 86 10.94 2.65 25.31
N ARG B 87 10.00 1.87 25.85
CA ARG B 87 8.80 2.43 26.47
C ARG B 87 9.13 3.46 27.56
N GLN B 88 9.98 3.06 28.49
CA GLN B 88 10.42 3.93 29.60
C GLN B 88 11.11 5.23 29.12
N LYS B 89 11.80 5.16 27.99
CA LYS B 89 12.38 6.36 27.36
C LYS B 89 11.31 7.39 27.00
N ILE B 90 10.16 6.90 26.51
CA ILE B 90 9.01 7.75 26.21
C ILE B 90 8.34 8.17 27.52
N GLU B 91 8.06 7.21 28.40
CA GLU B 91 7.46 7.47 29.73
C GLU B 91 8.22 8.57 30.51
N LYS B 92 9.53 8.63 30.32
CA LYS B 92 10.35 9.77 30.77
C LYS B 92 9.87 11.09 30.15
N GLU B 93 9.96 11.17 28.82
CA GLU B 93 9.57 12.36 28.05
C GLU B 93 8.17 12.86 28.40
N LEU B 94 7.24 11.92 28.52
CA LEU B 94 5.88 12.21 28.96
C LEU B 94 5.90 12.89 30.32
N SER B 95 6.65 12.32 31.25
CA SER B 95 6.77 12.89 32.60
C SER B 95 7.38 14.30 32.55
N ASP B 96 8.48 14.46 31.81
CA ASP B 96 9.05 15.80 31.62
C ASP B 96 7.98 16.80 31.18
N ILE B 97 7.31 16.46 30.07
CA ILE B 97 6.32 17.37 29.48
C ILE B 97 5.10 17.63 30.39
N CYS B 98 4.60 16.60 31.06
CA CYS B 98 3.51 16.78 32.05
C CYS B 98 3.93 17.65 33.24
N ASN B 99 5.08 17.31 33.82
CA ASN B 99 5.64 18.04 34.96
C ASN B 99 6.07 19.45 34.60
N ASP B 100 6.32 19.72 33.31
CA ASP B 100 6.57 21.09 32.87
C ASP B 100 5.33 21.98 33.02
N ILE B 101 4.21 21.55 32.45
CA ILE B 101 2.94 22.31 32.54
C ILE B 101 2.33 22.26 33.95
N LEU B 102 2.41 21.10 34.61
CA LEU B 102 1.90 20.98 35.99
C LEU B 102 2.53 21.97 37.00
N LYS B 103 3.80 22.33 36.79
CA LYS B 103 4.40 23.46 37.50
C LYS B 103 3.62 24.71 37.17
N LEU B 104 3.75 25.18 35.91
CA LEU B 104 3.12 26.42 35.46
C LEU B 104 1.63 26.58 35.88
N LEU B 105 0.89 25.48 35.87
CA LEU B 105 -0.49 25.51 36.37
C LEU B 105 -0.56 25.95 37.83
N GLN B 106 0.16 25.25 38.70
CA GLN B 106 0.13 25.54 40.15
C GLN B 106 0.86 26.83 40.52
N GLU B 107 1.98 27.10 39.87
CA GLU B 107 2.81 28.26 40.17
C GLU B 107 2.31 29.54 39.51
N GLN B 108 1.96 29.49 38.21
CA GLN B 108 1.59 30.71 37.48
C GLN B 108 0.11 30.88 37.19
N PHE B 109 -0.53 29.85 36.65
CA PHE B 109 -1.88 30.03 36.07
C PHE B 109 -3.03 30.04 37.09
N VAL B 110 -3.14 28.96 37.87
CA VAL B 110 -4.23 28.83 38.85
C VAL B 110 -4.23 29.99 39.87
N PRO B 111 -3.04 30.41 40.36
CA PRO B 111 -3.02 31.61 41.19
C PRO B 111 -3.47 32.87 40.47
N ARG B 112 -2.83 33.20 39.34
CA ARG B 112 -3.16 34.42 38.58
C ARG B 112 -4.60 34.48 38.04
N SER B 113 -5.25 33.34 37.83
CA SER B 113 -6.61 33.32 37.29
C SER B 113 -7.64 33.94 38.25
N THR B 114 -8.46 34.86 37.73
CA THR B 114 -9.49 35.60 38.50
C THR B 114 -10.92 35.29 38.03
N ASN B 115 -11.15 35.34 36.70
CA ASN B 115 -12.45 34.99 36.09
C ASN B 115 -12.77 33.51 36.25
N ALA B 116 -14.05 33.20 36.47
CA ALA B 116 -14.48 31.83 36.81
C ALA B 116 -14.20 30.79 35.71
N ASP B 117 -14.44 31.16 34.46
CA ASP B 117 -14.19 30.25 33.33
C ASP B 117 -12.71 29.85 33.21
N ALA B 118 -11.84 30.85 33.30
CA ALA B 118 -10.40 30.64 33.19
C ALA B 118 -9.89 29.71 34.27
N LYS B 119 -10.49 29.74 35.46
CA LYS B 119 -10.14 28.79 36.53
C LYS B 119 -10.44 27.37 36.08
N VAL B 120 -11.69 27.14 35.70
CA VAL B 120 -12.15 25.83 35.22
C VAL B 120 -11.23 25.36 34.10
N PHE B 121 -10.96 26.24 33.14
CA PHE B 121 -9.98 25.92 32.09
C PHE B 121 -8.67 25.34 32.65
N TYR B 122 -8.11 25.96 33.68
CA TYR B 122 -6.80 25.53 34.23
C TYR B 122 -6.89 24.29 35.13
N TYR B 123 -7.88 24.24 36.02
CA TYR B 123 -8.10 23.03 36.82
C TYR B 123 -8.37 21.82 35.92
N LYS B 124 -9.20 22.01 34.89
CA LYS B 124 -9.43 20.96 33.87
C LYS B 124 -8.11 20.47 33.30
N MET B 125 -7.34 21.41 32.76
CA MET B 125 -6.01 21.14 32.20
C MET B 125 -5.16 20.35 33.20
N GLN B 126 -5.14 20.81 34.46
CA GLN B 126 -4.48 20.09 35.56
C GLN B 126 -4.94 18.66 35.62
N GLY B 127 -6.25 18.46 35.73
CA GLY B 127 -6.82 17.10 35.72
C GLY B 127 -6.30 16.27 34.55
N ASP B 128 -6.37 16.86 33.36
CA ASP B 128 -5.97 16.17 32.12
C ASP B 128 -4.53 15.68 32.19
N TYR B 129 -3.60 16.60 32.45
CA TYR B 129 -2.18 16.23 32.40
C TYR B 129 -1.74 15.31 33.55
N TYR B 130 -2.48 15.31 34.67
CA TYR B 130 -2.35 14.23 35.67
C TYR B 130 -2.91 12.90 35.12
N ARG B 131 -4.06 12.96 34.48
CA ARG B 131 -4.65 11.76 33.82
C ARG B 131 -3.65 11.13 32.81
N TYR B 132 -2.98 11.98 32.03
CA TYR B 132 -1.99 11.48 31.06
C TYR B 132 -0.81 10.78 31.75
N LEU B 133 -0.36 11.30 32.90
CA LEU B 133 0.64 10.59 33.72
C LEU B 133 0.07 9.29 34.26
N ALA B 134 -1.17 9.34 34.75
CA ALA B 134 -1.86 8.15 35.24
C ALA B 134 -2.03 7.04 34.19
N GLU B 135 -2.16 7.41 32.91
CA GLU B 135 -2.30 6.40 31.85
C GLU B 135 -1.16 5.36 31.74
N TYR B 136 0.08 5.74 32.06
CA TYR B 136 1.22 4.79 32.00
C TYR B 136 1.83 4.40 33.35
N SER B 137 1.65 5.25 34.37
CA SER B 137 2.06 4.92 35.74
C SER B 137 1.30 3.71 36.26
N SER B 138 1.85 3.06 37.28
CA SER B 138 1.29 1.81 37.80
C SER B 138 1.37 1.69 39.33
N GLY B 139 0.38 1.00 39.90
CA GLY B 139 0.36 0.63 41.31
C GLY B 139 0.04 1.77 42.25
N GLU B 140 1.09 2.34 42.86
CA GLU B 140 0.95 3.25 44.00
C GLU B 140 1.51 4.67 43.76
N ASP B 141 2.43 4.81 42.80
CA ASP B 141 2.82 6.14 42.28
C ASP B 141 1.63 6.75 41.56
N LYS B 142 1.02 5.94 40.70
CA LYS B 142 -0.24 6.26 40.01
C LYS B 142 -1.33 6.70 40.97
N GLU B 143 -1.55 5.91 42.02
CA GLU B 143 -2.61 6.17 43.00
C GLU B 143 -2.57 7.58 43.61
N LYS B 144 -1.37 8.12 43.79
CA LYS B 144 -1.20 9.50 44.25
C LYS B 144 -1.55 10.51 43.14
N ILE B 145 -1.19 10.17 41.90
CA ILE B 145 -1.51 11.00 40.73
C ILE B 145 -3.02 11.06 40.47
N ALA B 146 -3.69 9.93 40.57
CA ALA B 146 -5.14 9.86 40.48
C ALA B 146 -5.80 10.89 41.41
N GLY B 147 -5.37 10.90 42.66
CA GLY B 147 -5.90 11.81 43.69
C GLY B 147 -5.87 13.27 43.29
N SER B 148 -4.70 13.75 42.84
CA SER B 148 -4.53 15.15 42.46
C SER B 148 -5.31 15.51 41.18
N ALA B 149 -5.31 14.61 40.20
CA ALA B 149 -6.21 14.73 39.05
C ALA B 149 -7.64 14.91 39.53
N LEU B 150 -8.09 14.01 40.42
CA LEU B 150 -9.46 14.04 40.95
C LEU B 150 -9.77 15.35 41.67
N ASN B 151 -8.85 15.77 42.52
CA ASN B 151 -8.99 17.05 43.23
C ASN B 151 -9.07 18.23 42.26
N ALA B 152 -8.17 18.24 41.27
CA ALA B 152 -8.18 19.28 40.22
C ALA B 152 -9.52 19.30 39.43
N TYR B 153 -9.96 18.12 39.02
CA TYR B 153 -11.24 17.99 38.31
C TYR B 153 -12.43 18.39 39.17
N ASN B 154 -12.45 18.01 40.44
CA ASN B 154 -13.48 18.49 41.37
C ASN B 154 -13.42 20.01 41.56
N SER B 155 -12.21 20.56 41.69
CA SER B 155 -12.00 22.01 41.72
C SER B 155 -12.66 22.64 40.50
N ALA B 156 -12.36 22.10 39.32
CA ALA B 156 -13.01 22.58 38.08
C ALA B 156 -14.56 22.44 38.08
N PHE B 157 -15.03 21.27 38.53
CA PHE B 157 -16.46 20.94 38.56
C PHE B 157 -17.27 21.82 39.52
N GLU B 158 -16.66 22.19 40.66
CA GLU B 158 -17.33 23.04 41.67
C GLU B 158 -17.57 24.47 41.16
N ILE B 159 -16.59 24.99 40.41
CA ILE B 159 -16.66 26.34 39.83
C ILE B 159 -17.51 26.33 38.54
N SER B 160 -17.33 25.29 37.70
CA SER B 160 -18.11 25.15 36.45
C SER B 160 -19.62 25.41 36.62
N GLN B 161 -20.15 25.07 37.79
CA GLN B 161 -21.56 25.37 38.15
C GLN B 161 -21.97 26.83 37.90
N GLN B 162 -21.03 27.77 37.96
CA GLN B 162 -21.31 29.17 37.65
C GLN B 162 -21.37 29.52 36.14
N LEU B 163 -20.99 28.58 35.27
CA LEU B 163 -21.05 28.78 33.81
C LEU B 163 -22.30 28.11 33.24
N PRO B 164 -22.90 28.67 32.16
CA PRO B 164 -24.11 28.06 31.59
C PRO B 164 -23.86 26.62 31.09
N PRO B 165 -24.84 25.69 31.26
CA PRO B 165 -24.66 24.26 30.92
C PRO B 165 -23.99 23.96 29.58
N THR B 166 -24.22 24.83 28.58
CA THR B 166 -23.67 24.66 27.24
C THR B 166 -22.29 25.28 27.02
N HIS B 167 -21.62 25.78 28.07
CA HIS B 167 -20.32 26.43 27.89
C HIS B 167 -19.28 25.38 27.45
N PRO B 168 -18.63 25.59 26.29
CA PRO B 168 -17.59 24.68 25.77
C PRO B 168 -16.60 24.16 26.82
N ILE B 169 -16.23 25.02 27.76
CA ILE B 169 -15.31 24.70 28.85
C ILE B 169 -16.02 23.81 29.87
N ARG B 170 -17.23 24.21 30.26
CA ARG B 170 -18.01 23.41 31.20
C ARG B 170 -18.31 22.01 30.68
N LEU B 171 -18.67 21.91 29.40
CA LEU B 171 -18.89 20.60 28.77
C LEU B 171 -17.57 19.87 28.61
N GLY B 172 -16.61 20.54 27.99
CA GLY B 172 -15.23 20.08 27.87
C GLY B 172 -14.68 19.44 29.13
N LEU B 173 -15.02 20.02 30.28
CA LEU B 173 -14.72 19.40 31.57
C LEU B 173 -15.46 18.08 31.73
N ALA B 174 -16.79 18.14 31.74
CA ALA B 174 -17.63 16.97 32.08
C ALA B 174 -17.20 15.71 31.33
N LEU B 175 -17.00 15.88 30.03
CA LEU B 175 -16.47 14.84 29.16
C LEU B 175 -15.20 14.21 29.72
N ASN B 176 -14.19 15.05 29.96
CA ASN B 176 -12.87 14.57 30.38
C ASN B 176 -12.88 14.03 31.80
N PHE B 177 -13.70 14.60 32.65
CA PHE B 177 -13.86 14.07 34.00
C PHE B 177 -14.53 12.70 33.94
N SER B 178 -15.55 12.55 33.08
CA SER B 178 -16.14 11.22 32.88
C SER B 178 -15.12 10.23 32.27
N VAL B 179 -14.30 10.72 31.34
CA VAL B 179 -13.21 9.92 30.76
C VAL B 179 -12.25 9.45 31.85
N PHE B 180 -11.88 10.37 32.74
CA PHE B 180 -11.08 10.06 33.92
C PHE B 180 -11.76 8.96 34.72
N TYR B 181 -12.99 9.23 35.17
CA TYR B 181 -13.77 8.27 35.94
C TYR B 181 -13.98 6.90 35.27
N TYR B 182 -13.94 6.83 33.95
CA TYR B 182 -14.08 5.55 33.24
C TYR B 182 -12.72 4.87 33.11
N GLU B 183 -11.79 5.57 32.46
CA GLU B 183 -10.50 5.01 32.10
C GLU B 183 -9.54 4.83 33.27
N ILE B 184 -9.42 5.82 34.16
CA ILE B 184 -8.40 5.75 35.23
C ILE B 184 -8.89 5.08 36.53
N LEU B 185 -10.12 5.38 36.93
CA LEU B 185 -10.78 4.71 38.05
C LEU B 185 -11.82 3.81 37.42
N ALA B 186 -11.82 2.52 37.75
CA ALA B 186 -12.73 1.58 37.08
C ALA B 186 -14.16 1.67 37.63
N SER B 187 -14.83 2.78 37.33
CA SER B 187 -16.21 3.03 37.75
C SER B 187 -17.01 3.61 36.59
N PRO B 188 -17.53 2.74 35.70
CA PRO B 188 -18.41 3.17 34.62
C PRO B 188 -19.63 3.98 35.07
N ASP B 189 -20.25 3.54 36.17
CA ASP B 189 -21.48 4.17 36.71
C ASP B 189 -21.33 5.66 36.93
N ARG B 190 -20.21 6.05 37.55
CA ARG B 190 -19.90 7.45 37.81
C ARG B 190 -19.70 8.24 36.54
N ALA B 191 -18.92 7.66 35.61
CA ALA B 191 -18.68 8.27 34.32
C ALA B 191 -20.01 8.52 33.59
N CYS B 192 -20.82 7.47 33.46
CA CYS B 192 -22.14 7.57 32.83
C CYS B 192 -23.04 8.59 33.54
N GLU B 193 -23.13 8.49 34.86
CA GLU B 193 -23.97 9.40 35.64
C GLU B 193 -23.53 10.85 35.43
N LEU B 194 -22.22 11.08 35.45
CA LEU B 194 -21.65 12.41 35.19
C LEU B 194 -21.91 12.91 33.76
N ALA B 195 -21.63 12.07 32.76
CA ALA B 195 -21.76 12.48 31.35
C ALA B 195 -23.21 12.63 30.89
N ARG B 196 -24.08 11.72 31.31
CA ARG B 196 -25.50 11.79 30.96
C ARG B 196 -26.14 13.07 31.52
N LYS B 197 -25.80 13.40 32.76
CA LYS B 197 -26.30 14.62 33.41
C LYS B 197 -25.86 15.85 32.62
N ALA B 198 -24.57 15.92 32.32
CA ALA B 198 -23.97 17.04 31.55
C ALA B 198 -24.53 17.16 30.13
N PHE B 199 -24.73 16.01 29.49
CA PHE B 199 -25.33 15.93 28.15
C PHE B 199 -26.77 16.44 28.18
N ASP B 200 -27.58 15.78 29.01
CA ASP B 200 -29.02 16.12 29.12
C ASP B 200 -29.24 17.63 29.36
N ALA B 201 -28.56 18.13 30.39
CA ALA B 201 -28.57 19.55 30.70
C ALA B 201 -28.37 20.40 29.45
N ALA B 202 -27.44 19.98 28.58
CA ALA B 202 -27.19 20.69 27.34
C ALA B 202 -28.40 20.65 26.40
N ILE B 203 -29.00 19.47 26.25
CA ILE B 203 -30.14 19.34 25.31
C ILE B 203 -31.29 20.20 25.81
N THR B 204 -31.49 20.26 27.14
CA THR B 204 -32.46 21.19 27.71
C THR B 204 -32.16 22.65 27.31
N ASP B 205 -30.88 23.03 27.26
CA ASP B 205 -30.46 24.38 26.86
C ASP B 205 -30.13 24.52 25.37
N LEU B 206 -30.49 23.53 24.57
CA LEU B 206 -30.11 23.50 23.14
C LEU B 206 -30.62 24.70 22.33
N ASP B 207 -31.67 25.36 22.80
CA ASP B 207 -32.09 26.66 22.23
C ASP B 207 -31.10 27.80 22.52
N LYS B 208 -30.55 27.86 23.73
CA LYS B 208 -29.79 29.02 24.22
C LYS B 208 -28.32 29.03 23.79
N LEU B 209 -28.04 28.75 22.51
CA LEU B 209 -26.67 28.62 22.03
C LEU B 209 -26.24 29.82 21.19
N THR B 210 -25.13 30.44 21.59
CA THR B 210 -24.54 31.55 20.85
C THR B 210 -23.83 31.03 19.60
N GLU B 211 -23.52 31.93 18.67
CA GLU B 211 -22.90 31.55 17.39
C GLU B 211 -21.45 31.11 17.49
N GLU B 212 -20.69 31.71 18.41
CA GLU B 212 -19.31 31.26 18.66
C GLU B 212 -19.26 29.95 19.43
N SER B 213 -20.05 29.85 20.51
CA SER B 213 -20.08 28.62 21.30
C SER B 213 -20.69 27.47 20.48
N TYR B 214 -21.73 27.72 19.67
CA TYR B 214 -22.40 26.65 18.92
C TYR B 214 -21.47 25.55 18.37
N LYS B 215 -20.48 25.95 17.57
CA LYS B 215 -19.61 24.98 16.88
C LYS B 215 -18.74 24.17 17.85
N ASP B 216 -18.11 24.85 18.80
CA ASP B 216 -17.21 24.19 19.79
C ASP B 216 -17.97 23.35 20.80
N SER B 217 -19.09 23.88 21.22
CA SER B 217 -19.97 23.25 22.21
C SER B 217 -20.62 22.03 21.59
N THR B 218 -21.26 22.22 20.43
CA THR B 218 -22.00 21.13 19.79
C THR B 218 -21.09 19.99 19.34
N LEU B 219 -19.79 20.28 19.18
CA LEU B 219 -18.78 19.22 18.99
C LEU B 219 -18.64 18.30 20.20
N ILE B 220 -18.72 18.86 21.40
CA ILE B 220 -18.48 18.10 22.62
C ILE B 220 -19.69 17.27 23.00
N MET B 221 -20.87 17.87 22.87
CA MET B 221 -22.14 17.15 23.06
C MET B 221 -22.15 15.83 22.28
N GLN B 222 -21.72 15.88 21.01
CA GLN B 222 -21.49 14.68 20.20
C GLN B 222 -20.59 13.67 20.88
N LEU B 223 -19.43 14.13 21.34
CA LEU B 223 -18.44 13.25 21.99
C LEU B 223 -18.99 12.58 23.26
N LEU B 224 -19.68 13.36 24.08
CA LEU B 224 -20.38 12.83 25.25
C LEU B 224 -21.30 11.65 24.90
N ARG B 225 -22.20 11.87 23.94
CA ARG B 225 -23.08 10.79 23.45
C ARG B 225 -22.26 9.62 22.89
N ASP B 226 -21.24 9.93 22.07
CA ASP B 226 -20.35 8.89 21.50
C ASP B 226 -19.79 7.99 22.58
N ASN B 227 -19.27 8.58 23.66
CA ASN B 227 -18.84 7.77 24.80
C ASN B 227 -19.99 7.04 25.44
N LEU B 228 -20.99 7.80 25.88
CA LEU B 228 -22.17 7.23 26.55
C LEU B 228 -22.69 5.97 25.88
N ASN B 229 -22.81 6.02 24.55
CA ASN B 229 -23.19 4.84 23.76
C ASN B 229 -22.28 3.65 23.98
N LEU B 230 -20.99 3.83 23.77
CA LEU B 230 -20.11 2.67 23.81
C LEU B 230 -19.92 2.18 25.23
N TRP B 231 -20.01 3.08 26.22
CA TRP B 231 -19.98 2.66 27.63
C TRP B 231 -21.26 1.90 27.99
N VAL B 232 -22.42 2.45 27.63
CA VAL B 232 -23.69 1.73 27.81
C VAL B 232 -23.61 0.36 27.17
N THR B 233 -23.19 0.27 25.91
CA THR B 233 -23.14 -1.02 25.21
C THR B 233 -21.91 -1.86 25.61
N ASP B 234 -21.82 -2.19 26.91
CA ASP B 234 -20.75 -3.03 27.47
C ASP B 234 -21.28 -3.74 28.73
N THR C 2 -3.26 -5.55 -41.45
CA THR C 2 -1.92 -6.12 -41.82
C THR C 2 -1.42 -7.11 -40.76
N ARG C 3 -0.47 -7.95 -41.15
CA ARG C 3 0.14 -8.98 -40.30
C ARG C 3 0.74 -8.35 -39.04
N GLU C 4 1.61 -7.37 -39.27
CA GLU C 4 2.29 -6.65 -38.19
C GLU C 4 1.33 -5.99 -37.19
N ASP C 5 0.14 -5.58 -37.66
CA ASP C 5 -0.91 -5.08 -36.76
C ASP C 5 -1.52 -6.22 -35.90
N TYR C 6 -1.65 -7.41 -36.48
CA TYR C 6 -2.09 -8.59 -35.70
C TYR C 6 -1.02 -9.02 -34.69
N VAL C 7 0.24 -8.97 -35.11
CA VAL C 7 1.39 -9.17 -34.21
C VAL C 7 1.32 -8.16 -33.06
N PHE C 8 1.16 -6.89 -33.43
CA PHE C 8 0.99 -5.81 -32.45
C PHE C 8 -0.19 -6.08 -31.51
N MET C 9 -1.32 -6.55 -32.04
CA MET C 9 -2.46 -6.96 -31.20
C MET C 9 -2.14 -8.11 -30.26
N ALA C 10 -1.46 -9.14 -30.76
CA ALA C 10 -1.00 -10.25 -29.89
C ALA C 10 -0.12 -9.71 -28.76
N GLN C 11 0.87 -8.90 -29.14
CA GLN C 11 1.74 -8.22 -28.16
C GLN C 11 0.98 -7.34 -27.16
N LEU C 12 -0.09 -6.70 -27.62
CA LEU C 12 -0.95 -5.90 -26.73
C LEU C 12 -1.73 -6.79 -25.76
N ASN C 13 -2.32 -7.86 -26.28
CA ASN C 13 -2.99 -8.87 -25.45
C ASN C 13 -2.06 -9.42 -24.37
N GLU C 14 -0.85 -9.79 -24.81
CA GLU C 14 0.23 -10.21 -23.91
C GLU C 14 0.58 -9.11 -22.90
N ASN C 15 0.69 -7.87 -23.36
CA ASN C 15 0.95 -6.73 -22.45
C ASN C 15 -0.14 -6.58 -21.40
N ALA C 16 -1.38 -6.82 -21.80
CA ALA C 16 -2.53 -6.73 -20.90
C ALA C 16 -2.82 -8.03 -20.12
N GLU C 17 -2.09 -9.10 -20.43
CA GLU C 17 -2.27 -10.41 -19.79
C GLU C 17 -3.68 -10.93 -20.08
N ARG C 18 -4.11 -10.76 -21.33
CA ARG C 18 -5.39 -11.27 -21.78
C ARG C 18 -5.08 -12.33 -22.82
N TYR C 19 -4.81 -13.53 -22.34
CA TYR C 19 -4.24 -14.60 -23.18
C TYR C 19 -5.28 -15.31 -24.05
N ASP C 20 -6.48 -15.51 -23.50
CA ASP C 20 -7.59 -16.13 -24.24
C ASP C 20 -7.84 -15.44 -25.59
N GLU C 21 -7.78 -14.11 -25.62
CA GLU C 21 -7.81 -13.35 -26.87
C GLU C 21 -6.54 -13.52 -27.70
N MET C 22 -5.39 -13.51 -27.01
CA MET C 22 -4.09 -13.69 -27.65
C MET C 22 -4.04 -14.98 -28.49
N VAL C 23 -4.61 -16.05 -27.95
CA VAL C 23 -4.78 -17.29 -28.71
C VAL C 23 -5.48 -17.01 -30.06
N GLU C 24 -6.58 -16.26 -30.00
CA GLU C 24 -7.36 -15.94 -31.21
C GLU C 24 -6.61 -15.02 -32.18
N THR C 25 -6.05 -13.91 -31.67
CA THR C 25 -5.21 -13.06 -32.54
C THR C 25 -3.94 -13.74 -33.06
N MET C 26 -3.49 -14.83 -32.42
CA MET C 26 -2.42 -15.67 -33.01
C MET C 26 -2.97 -16.58 -34.11
N ARG C 27 -4.06 -17.29 -33.83
CA ARG C 27 -4.73 -18.10 -34.87
C ARG C 27 -5.01 -17.32 -36.16
N LYS C 28 -5.45 -16.08 -36.01
CA LYS C 28 -5.64 -15.18 -37.15
C LYS C 28 -4.36 -14.99 -38.00
N ILE C 29 -3.18 -15.01 -37.36
CA ILE C 29 -1.89 -15.02 -38.08
C ILE C 29 -1.54 -16.43 -38.57
N SER C 30 -1.94 -17.47 -37.84
CA SER C 30 -1.77 -18.86 -38.28
C SER C 30 -2.55 -19.17 -39.56
N GLY C 31 -3.68 -18.49 -39.75
CA GLY C 31 -4.41 -18.54 -41.03
C GLY C 31 -3.63 -17.98 -42.22
N MET C 32 -2.81 -16.95 -41.99
CA MET C 32 -2.05 -16.28 -43.06
C MET C 32 -0.97 -17.17 -43.73
N GLU C 33 -0.29 -16.62 -44.76
CA GLU C 33 0.64 -17.37 -45.60
C GLU C 33 1.97 -17.64 -44.91
N GLY C 34 2.67 -18.66 -45.41
CA GLY C 34 4.05 -18.95 -44.99
C GLY C 34 4.14 -19.64 -43.66
N GLU C 35 5.37 -19.72 -43.15
CA GLU C 35 5.65 -20.23 -41.81
C GLU C 35 5.68 -19.07 -40.84
N LEU C 36 5.36 -19.32 -39.58
CA LEU C 36 5.48 -18.29 -38.55
C LEU C 36 6.95 -17.94 -38.32
N SER C 37 7.20 -16.65 -38.08
CA SER C 37 8.51 -16.17 -37.64
C SER C 37 8.95 -16.74 -36.27
N ASP C 38 10.16 -16.37 -35.84
CA ASP C 38 10.68 -16.69 -34.50
C ASP C 38 9.83 -15.94 -33.45
N LYS C 39 9.80 -14.62 -33.62
CA LYS C 39 8.99 -13.71 -32.81
C LYS C 39 7.52 -14.17 -32.76
N GLU C 40 6.99 -14.51 -33.93
CA GLU C 40 5.62 -15.02 -34.08
C GLU C 40 5.43 -16.40 -33.43
N ARG C 41 6.44 -17.25 -33.48
CA ARG C 41 6.42 -18.54 -32.76
C ARG C 41 6.35 -18.30 -31.26
N ASN C 42 7.29 -17.52 -30.74
CA ASN C 42 7.33 -17.26 -29.28
C ASN C 42 5.99 -16.82 -28.69
N LEU C 43 5.31 -15.92 -29.42
CA LEU C 43 3.97 -15.45 -29.06
C LEU C 43 2.95 -16.59 -29.01
N LEU C 44 3.02 -17.49 -29.98
CA LEU C 44 2.14 -18.67 -30.01
C LEU C 44 2.30 -19.51 -28.75
N SER C 45 3.55 -19.83 -28.42
CA SER C 45 3.86 -20.59 -27.22
C SER C 45 3.41 -19.85 -25.96
N VAL C 46 3.76 -18.55 -25.88
CA VAL C 46 3.35 -17.72 -24.73
C VAL C 46 1.84 -17.72 -24.53
N ALA C 47 1.07 -17.54 -25.61
CA ALA C 47 -0.39 -17.50 -25.48
C ALA C 47 -0.94 -18.81 -24.90
N TYR C 48 -0.64 -19.90 -25.58
CA TYR C 48 -1.17 -21.21 -25.20
C TYR C 48 -0.66 -21.67 -23.82
N LYS C 49 0.62 -21.41 -23.53
CA LYS C 49 1.17 -21.74 -22.20
C LYS C 49 0.41 -21.03 -21.09
N ASN C 50 0.22 -19.72 -21.27
CA ASN C 50 -0.52 -18.90 -20.29
C ASN C 50 -2.01 -19.12 -20.28
N VAL C 51 -2.57 -19.70 -21.35
CA VAL C 51 -3.95 -20.20 -21.26
C VAL C 51 -4.02 -21.53 -20.48
N ILE C 52 -3.25 -22.55 -20.89
CA ILE C 52 -3.29 -23.86 -20.20
C ILE C 52 -2.82 -23.84 -18.72
N GLY C 53 -1.85 -22.96 -18.43
CA GLY C 53 -1.21 -22.86 -17.13
C GLY C 53 -2.13 -22.74 -15.92
N PRO C 54 -2.99 -21.72 -15.89
CA PRO C 54 -3.96 -21.57 -14.82
C PRO C 54 -4.79 -22.83 -14.57
N ARG C 55 -5.32 -23.44 -15.65
CA ARG C 55 -6.11 -24.69 -15.57
C ARG C 55 -5.29 -25.83 -15.01
N ARG C 56 -4.07 -26.00 -15.53
CA ARG C 56 -3.12 -26.96 -14.90
C ARG C 56 -2.89 -26.71 -13.41
N ALA C 57 -2.72 -25.44 -13.04
CA ALA C 57 -2.56 -25.07 -11.63
C ALA C 57 -3.80 -25.47 -10.82
N ALA C 58 -4.96 -25.03 -11.28
CA ALA C 58 -6.24 -25.37 -10.67
C ALA C 58 -6.40 -26.87 -10.46
N TRP C 59 -6.27 -27.60 -11.57
CA TRP C 59 -6.40 -29.06 -11.53
C TRP C 59 -5.65 -29.70 -10.36
N ARG C 60 -4.41 -29.27 -10.16
CA ARG C 60 -3.57 -29.77 -9.07
C ARG C 60 -4.12 -29.43 -7.69
N ILE C 61 -4.63 -28.21 -7.52
CA ILE C 61 -5.16 -27.79 -6.22
C ILE C 61 -6.43 -28.58 -5.93
N VAL C 62 -7.33 -28.60 -6.92
CA VAL C 62 -8.56 -29.36 -6.78
C VAL C 62 -8.23 -30.82 -6.48
N SER C 63 -7.27 -31.40 -7.21
CA SER C 63 -6.79 -32.77 -6.94
C SER C 63 -6.25 -32.96 -5.53
N SER C 64 -5.44 -32.01 -5.04
CA SER C 64 -4.96 -32.08 -3.64
C SER C 64 -6.14 -32.04 -2.63
N ILE C 65 -7.07 -31.11 -2.87
CA ILE C 65 -8.25 -30.98 -2.00
C ILE C 65 -9.12 -32.24 -2.05
N GLU C 66 -9.27 -32.86 -3.21
CA GLU C 66 -10.01 -34.13 -3.33
C GLU C 66 -9.42 -35.26 -2.49
N ALA C 67 -8.11 -35.46 -2.63
CA ALA C 67 -7.36 -36.42 -1.84
C ALA C 67 -7.49 -36.09 -0.35
N LYS C 68 -7.25 -34.82 -0.01
CA LYS C 68 -7.41 -34.33 1.38
C LYS C 68 -8.80 -34.63 1.95
N GLU C 69 -9.83 -34.40 1.15
CA GLU C 69 -11.21 -34.69 1.55
C GLU C 69 -11.42 -36.20 1.73
N LYS C 70 -10.99 -36.97 0.72
CA LYS C 70 -11.07 -38.44 0.75
C LYS C 70 -10.42 -39.03 2.00
N GLY C 71 -9.18 -38.64 2.27
CA GLY C 71 -8.41 -39.23 3.38
C GLY C 71 -8.86 -38.81 4.77
N ARG C 72 -10.03 -39.29 5.21
CA ARG C 72 -10.62 -38.95 6.50
C ARG C 72 -11.52 -40.08 7.04
N GLN C 73 -11.76 -40.06 8.35
CA GLN C 73 -12.56 -41.10 9.02
C GLN C 73 -13.99 -41.16 8.51
N LYS C 74 -14.59 -39.99 8.28
CA LYS C 74 -15.98 -39.90 7.80
C LYS C 74 -16.04 -39.05 6.52
N PRO C 75 -15.69 -39.64 5.36
CA PRO C 75 -15.73 -38.91 4.10
C PRO C 75 -17.14 -38.50 3.69
N ASN C 76 -17.35 -37.20 3.47
CA ASN C 76 -18.62 -36.69 2.99
C ASN C 76 -18.80 -37.10 1.53
N ALA C 77 -19.83 -37.90 1.27
CA ALA C 77 -20.07 -38.44 -0.07
C ALA C 77 -20.43 -37.37 -1.09
N LYS C 78 -21.10 -36.30 -0.66
CA LYS C 78 -21.57 -35.24 -1.57
C LYS C 78 -20.42 -34.35 -2.07
N ARG C 79 -19.58 -33.90 -1.13
CA ARG C 79 -18.43 -33.05 -1.47
C ARG C 79 -17.46 -33.71 -2.44
N ILE C 80 -17.24 -35.01 -2.30
CA ILE C 80 -16.42 -35.77 -3.27
C ILE C 80 -17.06 -35.68 -4.66
N GLU C 81 -18.39 -35.82 -4.72
CA GLU C 81 -19.13 -35.66 -5.97
C GLU C 81 -18.93 -34.27 -6.54
N GLN C 82 -19.25 -33.26 -5.73
CA GLN C 82 -19.09 -31.85 -6.12
C GLN C 82 -17.69 -31.53 -6.64
N ILE C 83 -16.68 -32.02 -5.93
CA ILE C 83 -15.28 -31.88 -6.34
C ILE C 83 -14.99 -32.60 -7.64
N ARG C 84 -15.26 -33.91 -7.69
CA ARG C 84 -15.08 -34.71 -8.93
C ARG C 84 -15.57 -33.97 -10.17
N VAL C 85 -16.83 -33.52 -10.11
CA VAL C 85 -17.44 -32.82 -11.23
C VAL C 85 -16.65 -31.56 -11.56
N TYR C 86 -16.20 -30.84 -10.54
CA TYR C 86 -15.40 -29.63 -10.73
C TYR C 86 -14.01 -29.88 -11.34
N ARG C 87 -13.36 -30.96 -10.93
CA ARG C 87 -12.12 -31.40 -11.59
C ARG C 87 -12.44 -31.70 -13.05
N GLN C 88 -13.46 -32.53 -13.26
CA GLN C 88 -13.84 -32.93 -14.61
C GLN C 88 -14.27 -31.77 -15.51
N LYS C 89 -14.75 -30.68 -14.91
CA LYS C 89 -15.01 -29.45 -15.64
C LYS C 89 -13.72 -28.83 -16.17
N ILE C 90 -12.67 -28.88 -15.36
CA ILE C 90 -11.34 -28.35 -15.72
C ILE C 90 -10.65 -29.25 -16.75
N GLU C 91 -10.63 -30.55 -16.45
CA GLU C 91 -10.08 -31.55 -17.39
C GLU C 91 -10.57 -31.34 -18.83
N LYS C 92 -11.85 -31.00 -18.98
CA LYS C 92 -12.43 -30.68 -20.27
C LYS C 92 -11.79 -29.44 -20.91
N GLU C 93 -11.66 -28.36 -20.13
CA GLU C 93 -11.01 -27.15 -20.63
C GLU C 93 -9.58 -27.46 -21.07
N LEU C 94 -8.88 -28.22 -20.24
CA LEU C 94 -7.56 -28.71 -20.60
C LEU C 94 -7.59 -29.49 -21.94
N SER C 95 -8.52 -30.44 -22.05
CA SER C 95 -8.67 -31.25 -23.28
C SER C 95 -8.88 -30.38 -24.49
N ASP C 96 -9.81 -29.43 -24.38
CA ASP C 96 -10.14 -28.51 -25.47
C ASP C 96 -8.94 -27.65 -25.87
N ILE C 97 -8.30 -27.07 -24.85
CA ILE C 97 -7.10 -26.24 -25.09
C ILE C 97 -5.95 -27.05 -25.70
N CYS C 98 -5.79 -28.31 -25.30
CA CYS C 98 -4.80 -29.20 -25.94
C CYS C 98 -5.16 -29.59 -27.37
N ASN C 99 -6.41 -30.02 -27.58
CA ASN C 99 -6.85 -30.44 -28.93
C ASN C 99 -6.75 -29.28 -29.89
N ASP C 100 -7.20 -28.10 -29.45
CA ASP C 100 -7.08 -26.89 -30.27
C ASP C 100 -5.68 -26.78 -30.90
N ILE C 101 -4.65 -26.67 -30.06
CA ILE C 101 -3.25 -26.51 -30.54
C ILE C 101 -2.71 -27.76 -31.25
N LEU C 102 -2.93 -28.94 -30.64
CA LEU C 102 -2.45 -30.19 -31.22
C LEU C 102 -2.94 -30.37 -32.65
N LYS C 103 -4.22 -30.06 -32.87
CA LYS C 103 -4.76 -29.99 -34.22
C LYS C 103 -3.92 -29.05 -35.12
N LEU C 104 -3.70 -27.81 -34.68
CA LEU C 104 -2.97 -26.84 -35.52
C LEU C 104 -1.51 -27.24 -35.81
N LEU C 105 -0.90 -27.92 -34.84
CA LEU C 105 0.47 -28.44 -35.05
C LEU C 105 0.54 -29.50 -36.16
N GLN C 106 -0.36 -30.48 -36.04
CA GLN C 106 -0.46 -31.56 -37.01
C GLN C 106 -0.90 -31.07 -38.38
N GLU C 107 -1.96 -30.27 -38.41
CA GLU C 107 -2.56 -29.81 -39.67
C GLU C 107 -1.83 -28.65 -40.32
N GLN C 108 -1.48 -27.62 -39.54
CA GLN C 108 -0.96 -26.37 -40.11
C GLN C 108 0.56 -26.26 -39.97
N PHE C 109 1.05 -26.33 -38.74
CA PHE C 109 2.42 -25.88 -38.46
C PHE C 109 3.51 -26.86 -38.90
N VAL C 110 3.43 -28.11 -38.45
CA VAL C 110 4.53 -29.08 -38.69
C VAL C 110 4.78 -29.33 -40.19
N PRO C 111 3.71 -29.49 -41.01
CA PRO C 111 3.90 -29.65 -42.46
C PRO C 111 4.44 -28.41 -43.17
N ARG C 112 4.06 -27.23 -42.72
CA ARG C 112 4.53 -25.98 -43.34
C ARG C 112 6.03 -25.70 -43.14
N SER C 113 6.63 -26.27 -42.09
CA SER C 113 7.99 -25.90 -41.65
C SER C 113 9.11 -26.49 -42.50
N THR C 114 10.21 -25.75 -42.63
CA THR C 114 11.35 -26.14 -43.47
C THR C 114 12.70 -26.10 -42.72
N ASN C 115 13.02 -24.96 -42.09
CA ASN C 115 14.20 -24.84 -41.19
C ASN C 115 14.06 -25.70 -39.95
N ALA C 116 15.18 -26.10 -39.36
CA ALA C 116 15.17 -27.06 -38.24
C ALA C 116 14.57 -26.48 -36.96
N ASP C 117 15.05 -25.30 -36.57
CA ASP C 117 14.64 -24.63 -35.34
C ASP C 117 13.13 -24.57 -35.16
N ALA C 118 12.42 -24.35 -36.27
CA ALA C 118 10.95 -24.40 -36.31
C ALA C 118 10.47 -25.83 -36.01
N LYS C 119 10.95 -26.77 -36.82
CA LYS C 119 10.57 -28.19 -36.67
C LYS C 119 10.71 -28.64 -35.22
N VAL C 120 11.86 -28.34 -34.62
CA VAL C 120 12.10 -28.70 -33.22
C VAL C 120 11.16 -27.97 -32.26
N PHE C 121 10.88 -26.70 -32.55
CA PHE C 121 9.95 -25.91 -31.73
C PHE C 121 8.58 -26.57 -31.74
N TYR C 122 8.06 -26.84 -32.93
CA TYR C 122 6.72 -27.41 -33.09
C TYR C 122 6.63 -28.86 -32.57
N TYR C 123 7.63 -29.67 -32.90
CA TYR C 123 7.68 -31.05 -32.40
C TYR C 123 7.81 -31.08 -30.87
N LYS C 124 8.63 -30.19 -30.32
CA LYS C 124 8.67 -30.02 -28.86
C LYS C 124 7.28 -29.68 -28.36
N MET C 125 6.70 -28.62 -28.92
CA MET C 125 5.36 -28.19 -28.53
C MET C 125 4.38 -29.37 -28.49
N GLN C 126 4.29 -30.09 -29.60
CA GLN C 126 3.47 -31.31 -29.68
C GLN C 126 3.69 -32.20 -28.47
N GLY C 127 4.96 -32.46 -28.16
CA GLY C 127 5.30 -33.25 -26.99
C GLY C 127 4.68 -32.69 -25.73
N ASP C 128 4.86 -31.37 -25.56
CA ASP C 128 4.37 -30.68 -24.36
C ASP C 128 2.87 -30.88 -24.14
N TYR C 129 2.05 -30.70 -25.18
CA TYR C 129 0.60 -30.73 -24.99
C TYR C 129 0.02 -32.14 -24.77
N TYR C 130 0.59 -33.14 -25.44
CA TYR C 130 0.37 -34.55 -25.07
C TYR C 130 0.81 -34.83 -23.63
N ARG C 131 1.99 -34.31 -23.24
CA ARG C 131 2.44 -34.41 -21.85
C ARG C 131 1.45 -33.78 -20.87
N TYR C 132 0.86 -32.64 -21.24
CA TYR C 132 -0.15 -31.98 -20.40
C TYR C 132 -1.44 -32.80 -20.36
N LEU C 133 -1.82 -33.39 -21.50
CA LEU C 133 -2.95 -34.36 -21.50
C LEU C 133 -2.69 -35.57 -20.60
N ALA C 134 -1.46 -36.10 -20.65
CA ALA C 134 -1.08 -37.25 -19.84
C ALA C 134 -0.99 -36.98 -18.33
N GLU C 135 -0.99 -35.71 -17.91
CA GLU C 135 -0.97 -35.38 -16.47
C GLU C 135 -2.24 -35.84 -15.73
N TYR C 136 -3.41 -35.78 -16.36
CA TYR C 136 -4.68 -36.19 -15.71
C TYR C 136 -5.27 -37.53 -16.15
N SER C 137 -4.87 -38.05 -17.31
CA SER C 137 -5.34 -39.36 -17.80
C SER C 137 -4.75 -40.51 -16.99
N SER C 138 -5.42 -41.66 -17.00
CA SER C 138 -4.95 -42.85 -16.27
C SER C 138 -5.12 -44.15 -17.08
N GLY C 139 -4.27 -45.13 -16.77
CA GLY C 139 -4.39 -46.48 -17.32
C GLY C 139 -3.97 -46.64 -18.77
N GLU C 140 -4.95 -46.63 -19.68
CA GLU C 140 -4.72 -46.96 -21.10
C GLU C 140 -4.85 -45.77 -22.06
N ASP C 141 -5.76 -44.84 -21.76
CA ASP C 141 -5.81 -43.56 -22.47
C ASP C 141 -4.45 -42.88 -22.38
N LYS C 142 -3.95 -42.83 -21.14
CA LYS C 142 -2.61 -42.32 -20.82
C LYS C 142 -1.54 -42.95 -21.72
N GLU C 143 -1.41 -44.28 -21.67
CA GLU C 143 -0.45 -45.03 -22.49
C GLU C 143 -0.43 -44.63 -23.97
N LYS C 144 -1.60 -44.41 -24.56
CA LYS C 144 -1.68 -43.97 -25.94
C LYS C 144 -1.27 -42.50 -26.14
N ILE C 145 -1.53 -41.67 -25.14
CA ILE C 145 -1.12 -40.25 -25.16
C ILE C 145 0.42 -40.13 -25.03
N ALA C 146 0.96 -40.78 -24.01
CA ALA C 146 2.41 -40.95 -23.84
C ALA C 146 3.11 -41.37 -25.14
N GLY C 147 2.53 -42.36 -25.82
CA GLY C 147 3.00 -42.75 -27.16
C GLY C 147 3.07 -41.57 -28.11
N SER C 148 2.01 -40.76 -28.16
CA SER C 148 1.96 -39.58 -29.04
C SER C 148 2.97 -38.50 -28.66
N ALA C 149 3.17 -38.32 -27.34
CA ALA C 149 4.22 -37.42 -26.83
C ALA C 149 5.61 -37.90 -27.24
N LEU C 150 5.92 -39.13 -26.85
CA LEU C 150 7.24 -39.74 -27.05
C LEU C 150 7.73 -39.64 -28.49
N ASN C 151 6.82 -39.80 -29.44
CA ASN C 151 7.17 -39.69 -30.86
C ASN C 151 7.42 -38.23 -31.28
N ALA C 152 6.65 -37.31 -30.73
CA ALA C 152 6.88 -35.88 -30.97
C ALA C 152 8.23 -35.45 -30.38
N TYR C 153 8.48 -35.83 -29.12
CA TYR C 153 9.77 -35.58 -28.49
C TYR C 153 10.92 -36.26 -29.25
N ASN C 154 10.74 -37.51 -29.70
CA ASN C 154 11.77 -38.17 -30.51
C ASN C 154 11.97 -37.59 -31.89
N SER C 155 10.92 -37.01 -32.46
CA SER C 155 11.05 -36.25 -33.70
C SER C 155 11.84 -34.98 -33.43
N ALA C 156 11.47 -34.27 -32.37
CA ALA C 156 12.20 -33.05 -31.97
C ALA C 156 13.66 -33.32 -31.71
N PHE C 157 13.91 -34.46 -31.08
CA PHE C 157 15.23 -34.83 -30.62
C PHE C 157 16.15 -35.17 -31.75
N GLU C 158 15.68 -35.96 -32.70
CA GLU C 158 16.47 -36.27 -33.90
C GLU C 158 16.95 -35.00 -34.62
N ILE C 159 16.03 -34.06 -34.85
CA ILE C 159 16.35 -32.83 -35.56
C ILE C 159 17.15 -31.83 -34.70
N SER C 160 16.92 -31.82 -33.37
CA SER C 160 17.69 -30.94 -32.47
C SER C 160 19.21 -31.15 -32.55
N GLN C 161 19.61 -32.37 -32.92
CA GLN C 161 21.01 -32.69 -33.22
C GLN C 161 21.61 -31.75 -34.29
N GLN C 162 20.79 -31.16 -35.15
CA GLN C 162 21.26 -30.11 -36.10
C GLN C 162 21.38 -28.68 -35.53
N LEU C 163 21.04 -28.47 -34.26
CA LEU C 163 21.10 -27.13 -33.68
C LEU C 163 22.30 -27.06 -32.74
N PRO C 164 22.85 -25.85 -32.51
CA PRO C 164 23.98 -25.78 -31.57
C PRO C 164 23.59 -26.26 -30.16
N PRO C 165 24.49 -26.99 -29.47
CA PRO C 165 24.26 -27.49 -28.11
C PRO C 165 23.57 -26.53 -27.14
N THR C 166 23.81 -25.22 -27.32
CA THR C 166 23.28 -24.15 -26.48
C THR C 166 22.08 -23.38 -27.07
N HIS C 167 21.45 -23.91 -28.12
CA HIS C 167 20.22 -23.31 -28.66
C HIS C 167 19.08 -23.50 -27.63
N PRO C 168 18.40 -22.39 -27.23
CA PRO C 168 17.29 -22.43 -26.29
C PRO C 168 16.18 -23.45 -26.62
N ILE C 169 15.96 -23.67 -27.91
CA ILE C 169 15.07 -24.72 -28.37
C ILE C 169 15.67 -26.10 -28.03
N ARG C 170 16.94 -26.32 -28.36
CA ARG C 170 17.59 -27.60 -28.10
C ARG C 170 17.65 -27.92 -26.61
N LEU C 171 17.98 -26.92 -25.80
CA LEU C 171 18.01 -27.11 -24.35
C LEU C 171 16.60 -27.27 -23.79
N GLY C 172 15.77 -26.27 -24.08
CA GLY C 172 14.34 -26.28 -23.74
C GLY C 172 13.69 -27.63 -24.00
N LEU C 173 13.97 -28.20 -25.18
CA LEU C 173 13.55 -29.56 -25.51
C LEU C 173 14.04 -30.52 -24.46
N ALA C 174 15.37 -30.67 -24.35
CA ALA C 174 15.95 -31.67 -23.46
C ALA C 174 15.33 -31.58 -22.06
N LEU C 175 15.24 -30.35 -21.54
CA LEU C 175 14.62 -30.07 -20.26
C LEU C 175 13.24 -30.72 -20.16
N ASN C 176 12.38 -30.46 -21.13
CA ASN C 176 11.01 -30.98 -21.11
C ASN C 176 10.92 -32.47 -21.37
N PHE C 177 11.72 -32.96 -22.31
CA PHE C 177 11.82 -34.37 -22.61
C PHE C 177 12.21 -35.14 -21.35
N SER C 178 13.20 -34.65 -20.58
CA SER C 178 13.50 -35.32 -19.31
C SER C 178 12.26 -35.31 -18.38
N VAL C 179 11.66 -34.14 -18.21
CA VAL C 179 10.46 -33.98 -17.37
C VAL C 179 9.39 -34.99 -17.75
N PHE C 180 9.19 -35.19 -19.05
CA PHE C 180 8.28 -36.21 -19.58
C PHE C 180 8.63 -37.59 -19.02
N TYR C 181 9.90 -37.96 -19.14
CA TYR C 181 10.36 -39.25 -18.63
C TYR C 181 10.11 -39.37 -17.13
N TYR C 182 10.51 -38.34 -16.37
CA TYR C 182 10.39 -38.42 -14.91
C TYR C 182 8.96 -38.43 -14.41
N GLU C 183 8.13 -37.57 -14.99
CA GLU C 183 6.78 -37.36 -14.49
C GLU C 183 5.74 -38.28 -15.13
N ILE C 184 5.85 -38.55 -16.43
CA ILE C 184 4.84 -39.39 -17.10
C ILE C 184 5.24 -40.87 -17.10
N LEU C 185 6.45 -41.18 -17.55
CA LEU C 185 6.92 -42.57 -17.63
C LEU C 185 7.62 -43.09 -16.37
N ALA C 186 7.89 -42.23 -15.39
CA ALA C 186 8.56 -42.65 -14.15
C ALA C 186 9.87 -43.40 -14.42
N SER C 187 10.85 -42.69 -14.98
CA SER C 187 12.14 -43.28 -15.37
C SER C 187 13.28 -42.39 -14.90
N PRO C 188 13.47 -42.27 -13.57
CA PRO C 188 14.46 -41.32 -13.04
C PRO C 188 15.85 -41.39 -13.66
N ASP C 189 16.35 -42.62 -13.86
CA ASP C 189 17.63 -42.85 -14.51
C ASP C 189 17.62 -42.27 -15.92
N ARG C 190 16.54 -42.60 -16.64
CA ARG C 190 16.37 -42.21 -18.02
C ARG C 190 16.23 -40.69 -18.18
N ALA C 191 15.53 -40.05 -17.25
CA ALA C 191 15.40 -38.58 -17.22
C ALA C 191 16.71 -37.90 -16.83
N CYS C 192 17.36 -38.43 -15.78
CA CYS C 192 18.67 -37.94 -15.36
C CYS C 192 19.73 -38.03 -16.47
N GLU C 193 19.83 -39.19 -17.11
CA GLU C 193 20.69 -39.37 -18.32
C GLU C 193 20.50 -38.24 -19.33
N LEU C 194 19.23 -38.07 -19.71
CA LEU C 194 18.85 -37.16 -20.78
C LEU C 194 19.07 -35.69 -20.40
N ALA C 195 18.74 -35.34 -19.14
CA ALA C 195 19.07 -34.02 -18.61
C ALA C 195 20.60 -33.78 -18.55
N ARG C 196 21.28 -34.58 -17.73
CA ARG C 196 22.75 -34.53 -17.58
C ARG C 196 23.49 -34.42 -18.92
N LYS C 197 23.18 -35.34 -19.84
CA LYS C 197 23.79 -35.32 -21.17
C LYS C 197 23.61 -33.97 -21.87
N ALA C 198 22.41 -33.39 -21.74
CA ALA C 198 22.10 -32.10 -22.37
C ALA C 198 22.80 -30.92 -21.69
N PHE C 199 22.80 -30.95 -20.36
CA PHE C 199 23.50 -29.96 -19.55
C PHE C 199 24.99 -29.94 -19.89
N ASP C 200 25.63 -31.10 -19.77
CA ASP C 200 27.09 -31.17 -20.01
C ASP C 200 27.53 -30.64 -21.39
N ALA C 201 26.76 -30.97 -22.43
CA ALA C 201 27.00 -30.43 -23.78
C ALA C 201 26.89 -28.89 -23.85
N ALA C 202 26.05 -28.29 -23.00
CA ALA C 202 25.94 -26.83 -22.90
C ALA C 202 27.15 -26.24 -22.18
N ILE C 203 27.60 -26.96 -21.16
CA ILE C 203 28.79 -26.54 -20.42
C ILE C 203 30.03 -26.58 -21.33
N THR C 204 30.20 -27.63 -22.13
CA THR C 204 31.31 -27.66 -23.11
C THR C 204 31.24 -26.49 -24.10
N ASP C 205 30.04 -26.12 -24.51
CA ASP C 205 29.84 -25.01 -25.46
C ASP C 205 29.51 -23.69 -24.76
N LEU C 206 29.80 -23.61 -23.46
CA LEU C 206 29.57 -22.39 -22.70
C LEU C 206 30.54 -21.27 -23.09
N ASP C 207 31.79 -21.66 -23.26
CA ASP C 207 32.87 -20.80 -23.71
C ASP C 207 32.58 -20.47 -25.15
N LYS C 208 32.10 -21.47 -25.87
CA LYS C 208 31.80 -21.35 -27.28
C LYS C 208 30.73 -20.31 -27.36
N LEU C 209 30.62 -19.67 -28.51
CA LEU C 209 29.68 -18.59 -28.61
C LEU C 209 28.30 -18.97 -28.14
N THR C 210 27.85 -18.14 -27.21
CA THR C 210 26.54 -18.16 -26.63
C THR C 210 26.48 -16.64 -26.58
N GLU C 211 25.48 -16.01 -27.20
CA GLU C 211 25.45 -14.55 -27.21
C GLU C 211 24.11 -13.89 -26.93
N GLU C 212 23.18 -14.01 -27.85
CA GLU C 212 21.86 -13.42 -27.67
C GLU C 212 20.93 -14.43 -27.03
N SER C 213 21.39 -15.67 -26.95
CA SER C 213 20.66 -16.75 -26.34
C SER C 213 21.14 -16.93 -24.91
N TYR C 214 22.01 -16.03 -24.46
CA TYR C 214 22.57 -16.12 -23.12
C TYR C 214 21.51 -16.06 -22.07
N LYS C 215 20.55 -15.15 -22.22
CA LYS C 215 19.48 -15.08 -21.22
C LYS C 215 18.63 -16.33 -21.21
N ASP C 216 18.19 -16.75 -22.41
CA ASP C 216 17.27 -17.89 -22.55
C ASP C 216 17.94 -19.23 -22.26
N SER C 217 19.18 -19.39 -22.73
CA SER C 217 19.93 -20.63 -22.52
C SER C 217 20.33 -20.79 -21.05
N THR C 218 21.06 -19.79 -20.53
CA THR C 218 21.55 -19.82 -19.14
C THR C 218 20.45 -20.07 -18.10
N LEU C 219 19.22 -19.69 -18.42
CA LEU C 219 18.08 -20.03 -17.58
C LEU C 219 17.81 -21.53 -17.61
N ILE C 220 17.65 -22.06 -18.82
CA ILE C 220 17.31 -23.48 -18.99
C ILE C 220 18.43 -24.35 -18.41
N MET C 221 19.68 -23.93 -18.61
CA MET C 221 20.81 -24.59 -17.94
C MET C 221 20.60 -24.65 -16.44
N GLN C 222 20.19 -23.53 -15.85
CA GLN C 222 19.91 -23.49 -14.41
C GLN C 222 18.75 -24.42 -14.02
N LEU C 223 17.70 -24.42 -14.84
CA LEU C 223 16.55 -25.31 -14.59
C LEU C 223 16.92 -26.80 -14.67
N LEU C 224 17.71 -27.17 -15.68
CA LEU C 224 18.20 -28.56 -15.81
C LEU C 224 18.88 -29.01 -14.52
N ARG C 225 19.75 -28.14 -14.00
CA ARG C 225 20.45 -28.40 -12.75
C ARG C 225 19.48 -28.58 -11.60
N ASP C 226 18.55 -27.64 -11.42
CA ASP C 226 17.62 -27.73 -10.29
C ASP C 226 16.90 -29.09 -10.29
N ASN C 227 16.37 -29.44 -11.46
CA ASN C 227 15.81 -30.79 -11.71
C ASN C 227 16.80 -31.90 -11.35
N LEU C 228 18.03 -31.82 -11.85
CA LEU C 228 19.03 -32.84 -11.57
C LEU C 228 19.27 -33.01 -10.05
N ASN C 229 19.37 -31.90 -9.33
CA ASN C 229 19.46 -31.92 -7.87
C ASN C 229 18.23 -32.54 -7.23
N LEU C 230 17.06 -32.12 -7.69
CA LEU C 230 15.80 -32.63 -7.15
C LEU C 230 15.66 -34.15 -7.34
N TRP C 231 15.95 -34.63 -8.54
CA TRP C 231 15.82 -36.04 -8.88
C TRP C 231 16.95 -36.89 -8.31
N VAL C 232 18.18 -36.38 -8.31
CA VAL C 232 19.29 -37.10 -7.65
C VAL C 232 18.95 -37.32 -6.18
N THR C 233 18.58 -36.25 -5.47
CA THR C 233 18.17 -36.39 -4.06
C THR C 233 16.74 -36.96 -3.98
N ASP C 234 16.65 -38.28 -4.08
CA ASP C 234 15.40 -39.04 -3.94
C ASP C 234 15.68 -40.55 -3.97
N THR D 2 23.69 -7.35 19.10
CA THR D 2 23.90 -7.80 17.68
C THR D 2 23.15 -6.90 16.68
N ARG D 3 23.66 -6.85 15.45
CA ARG D 3 23.08 -6.03 14.35
C ARG D 3 21.57 -6.21 14.27
N GLU D 4 21.13 -7.46 14.31
CA GLU D 4 19.71 -7.79 14.23
C GLU D 4 18.85 -7.16 15.34
N ASP D 5 19.46 -6.87 16.49
CA ASP D 5 18.78 -6.10 17.55
C ASP D 5 18.47 -4.68 17.07
N TYR D 6 19.42 -4.06 16.34
CA TYR D 6 19.26 -2.67 15.88
C TYR D 6 18.20 -2.51 14.78
N VAL D 7 18.23 -3.38 13.78
CA VAL D 7 17.22 -3.37 12.70
C VAL D 7 15.80 -3.40 13.29
N PHE D 8 15.61 -4.27 14.28
CA PHE D 8 14.37 -4.29 15.03
C PHE D 8 14.09 -2.94 15.71
N MET D 9 15.10 -2.37 16.36
CA MET D 9 14.94 -1.08 17.04
C MET D 9 14.50 0.01 16.08
N ALA D 10 15.10 0.04 14.89
CA ALA D 10 14.71 0.98 13.84
C ALA D 10 13.30 0.69 13.37
N GLN D 11 13.03 -0.58 13.05
CA GLN D 11 11.66 -1.00 12.71
C GLN D 11 10.63 -0.55 13.73
N LEU D 12 11.00 -0.55 15.00
CA LEU D 12 10.15 -0.03 16.08
C LEU D 12 10.06 1.49 16.05
N ASN D 13 11.21 2.16 15.97
CA ASN D 13 11.28 3.63 15.83
C ASN D 13 10.35 4.14 14.75
N GLU D 14 10.36 3.45 13.59
CA GLU D 14 9.41 3.73 12.49
C GLU D 14 7.96 3.58 12.94
N ASN D 15 7.65 2.49 13.63
CA ASN D 15 6.29 2.22 14.09
C ASN D 15 5.79 3.22 15.12
N ALA D 16 6.69 3.71 15.97
CA ALA D 16 6.31 4.76 16.93
C ALA D 16 6.35 6.18 16.32
N GLU D 17 6.62 6.27 15.02
CA GLU D 17 6.81 7.53 14.32
C GLU D 17 7.86 8.42 14.99
N ARG D 18 8.91 7.78 15.53
CA ARG D 18 10.02 8.51 16.15
C ARG D 18 11.20 8.45 15.20
N TYR D 19 11.09 9.26 14.14
CA TYR D 19 12.01 9.23 13.00
C TYR D 19 13.36 9.87 13.30
N ASP D 20 13.43 10.76 14.30
CA ASP D 20 14.70 11.29 14.78
C ASP D 20 15.58 10.19 15.40
N GLU D 21 14.99 9.36 16.25
CA GLU D 21 15.71 8.22 16.85
C GLU D 21 16.00 7.09 15.88
N MET D 22 15.23 7.02 14.80
CA MET D 22 15.45 6.05 13.74
C MET D 22 16.78 6.36 13.03
N VAL D 23 16.98 7.63 12.71
CA VAL D 23 18.21 8.11 12.07
C VAL D 23 19.46 7.74 12.90
N GLU D 24 19.34 7.80 14.22
CA GLU D 24 20.43 7.37 15.12
C GLU D 24 20.66 5.86 15.07
N THR D 25 19.60 5.07 15.26
CA THR D 25 19.74 3.62 15.17
C THR D 25 20.20 3.15 13.79
N MET D 26 19.94 3.92 12.73
CA MET D 26 20.54 3.62 11.43
C MET D 26 22.02 4.03 11.38
N ARG D 27 22.37 5.09 12.12
CA ARG D 27 23.79 5.51 12.27
C ARG D 27 24.66 4.40 12.86
N LYS D 28 24.17 3.74 13.91
CA LYS D 28 24.84 2.57 14.49
C LYS D 28 25.11 1.53 13.41
N ILE D 29 24.03 1.09 12.76
CA ILE D 29 24.09 0.04 11.74
C ILE D 29 25.04 0.43 10.61
N SER D 30 24.92 1.66 10.09
CA SER D 30 25.88 2.17 9.08
C SER D 30 27.34 2.21 9.57
N GLY D 31 27.52 2.26 10.89
CA GLY D 31 28.82 2.03 11.53
C GLY D 31 29.33 0.60 11.41
N MET D 32 28.43 -0.39 11.46
CA MET D 32 28.84 -1.80 11.35
C MET D 32 29.41 -2.17 9.97
N GLU D 33 30.18 -3.26 9.92
CA GLU D 33 30.98 -3.59 8.75
C GLU D 33 30.16 -4.20 7.60
N GLY D 34 30.69 -4.08 6.39
CA GLY D 34 30.00 -4.53 5.19
C GLY D 34 29.05 -3.46 4.68
N GLU D 35 28.29 -3.79 3.64
CA GLU D 35 27.28 -2.89 3.07
C GLU D 35 25.92 -3.06 3.76
N LEU D 36 25.01 -2.12 3.53
CA LEU D 36 23.63 -2.23 3.99
C LEU D 36 22.83 -3.11 3.02
N SER D 37 22.01 -3.98 3.58
CA SER D 37 21.13 -4.85 2.78
C SER D 37 19.96 -4.05 2.20
N ASP D 38 19.08 -4.75 1.47
CA ASP D 38 17.93 -4.11 0.85
C ASP D 38 16.96 -3.55 1.90
N LYS D 39 16.53 -4.42 2.81
CA LYS D 39 15.71 -4.01 3.96
C LYS D 39 16.30 -2.77 4.66
N GLU D 40 17.60 -2.80 4.94
CA GLU D 40 18.28 -1.72 5.67
C GLU D 40 18.36 -0.43 4.84
N ARG D 41 18.64 -0.58 3.55
CA ARG D 41 18.63 0.58 2.64
C ARG D 41 17.32 1.39 2.68
N ASN D 42 16.19 0.70 2.78
CA ASN D 42 14.87 1.36 2.86
C ASN D 42 14.60 2.02 4.20
N LEU D 43 14.94 1.31 5.27
CA LEU D 43 14.86 1.87 6.62
C LEU D 43 15.73 3.12 6.78
N LEU D 44 16.81 3.20 6.00
CA LEU D 44 17.58 4.46 5.91
C LEU D 44 16.74 5.58 5.25
N SER D 45 16.38 5.36 3.98
CA SER D 45 15.61 6.32 3.18
C SER D 45 14.38 6.84 3.92
N VAL D 46 13.58 5.91 4.42
CA VAL D 46 12.43 6.23 5.26
C VAL D 46 12.87 7.17 6.40
N ALA D 47 13.90 6.76 7.16
CA ALA D 47 14.30 7.48 8.37
C ALA D 47 14.63 8.93 8.10
N TYR D 48 15.42 9.17 7.06
CA TYR D 48 15.78 10.55 6.71
C TYR D 48 14.58 11.28 6.09
N LYS D 49 13.91 10.66 5.12
CA LYS D 49 12.78 11.35 4.48
C LYS D 49 11.69 11.81 5.46
N ASN D 50 11.44 11.02 6.50
CA ASN D 50 10.44 11.40 7.49
C ASN D 50 10.99 12.35 8.56
N VAL D 51 12.30 12.60 8.56
CA VAL D 51 12.90 13.69 9.36
C VAL D 51 12.87 14.99 8.55
N ILE D 52 13.28 14.92 7.28
CA ILE D 52 13.27 16.11 6.40
C ILE D 52 11.85 16.60 5.98
N GLY D 53 10.96 15.65 5.69
CA GLY D 53 9.59 15.96 5.24
C GLY D 53 8.85 17.03 6.03
N PRO D 54 8.74 16.86 7.36
CA PRO D 54 8.04 17.87 8.19
C PRO D 54 8.66 19.27 8.10
N ARG D 55 9.99 19.33 7.94
CA ARG D 55 10.70 20.61 7.82
C ARG D 55 10.46 21.21 6.45
N ARG D 56 10.54 20.37 5.42
CA ARG D 56 10.15 20.80 4.09
C ARG D 56 8.71 21.32 4.05
N ALA D 57 7.82 20.70 4.82
CA ALA D 57 6.45 21.22 4.92
C ALA D 57 6.48 22.56 5.62
N ALA D 58 6.99 22.56 6.84
CA ALA D 58 7.10 23.77 7.66
C ALA D 58 7.64 24.97 6.90
N TRP D 59 8.63 24.75 6.03
CA TRP D 59 9.11 25.82 5.14
C TRP D 59 7.98 26.40 4.27
N ARG D 60 7.37 25.54 3.47
CA ARG D 60 6.39 25.97 2.45
C ARG D 60 5.28 26.85 3.02
N ILE D 61 4.84 26.51 4.23
CA ILE D 61 3.79 27.25 4.94
C ILE D 61 4.31 28.63 5.30
N VAL D 62 5.53 28.65 5.85
CA VAL D 62 6.15 29.90 6.30
C VAL D 62 6.42 30.82 5.10
N SER D 63 6.99 30.29 4.02
CA SER D 63 7.17 31.08 2.79
C SER D 63 5.83 31.47 2.13
N SER D 64 4.80 30.63 2.28
CA SER D 64 3.46 30.98 1.84
C SER D 64 2.90 32.18 2.62
N ILE D 65 3.07 32.16 3.95
CA ILE D 65 2.62 33.27 4.82
C ILE D 65 3.45 34.54 4.57
N GLU D 66 4.77 34.39 4.51
CA GLU D 66 5.67 35.52 4.20
C GLU D 66 5.20 36.31 2.97
N ALA D 67 4.91 35.59 1.89
CA ALA D 67 4.39 36.19 0.67
C ALA D 67 3.01 36.84 0.83
N LYS D 68 2.20 36.33 1.77
CA LYS D 68 0.89 36.93 2.09
C LYS D 68 1.04 38.23 2.90
N GLU D 69 1.93 38.21 3.89
CA GLU D 69 2.21 39.39 4.71
C GLU D 69 3.00 40.46 3.95
N LYS D 70 3.84 40.03 3.01
CA LYS D 70 4.49 40.97 2.06
C LYS D 70 3.45 41.77 1.26
N GLY D 71 2.62 41.06 0.51
CA GLY D 71 1.60 41.68 -0.34
C GLY D 71 0.41 42.18 0.46
N ARG D 72 0.52 43.42 0.96
CA ARG D 72 -0.54 44.07 1.73
C ARG D 72 -0.64 45.55 1.40
N GLN D 73 -1.72 46.16 1.88
CA GLN D 73 -1.93 47.61 1.77
C GLN D 73 -0.99 48.37 2.74
N LYS D 74 -1.00 47.97 4.01
CA LYS D 74 -0.06 48.49 5.03
C LYS D 74 0.84 47.36 5.56
N PRO D 75 1.96 47.08 4.85
CA PRO D 75 2.94 46.06 5.32
C PRO D 75 3.49 46.30 6.73
N ASN D 76 3.92 45.21 7.39
CA ASN D 76 4.52 45.28 8.72
C ASN D 76 5.95 44.72 8.72
N ALA D 77 6.93 45.60 8.49
CA ALA D 77 8.34 45.18 8.38
C ALA D 77 8.92 44.52 9.65
N LYS D 78 8.42 44.92 10.83
CA LYS D 78 8.73 44.22 12.08
C LYS D 78 8.19 42.78 12.09
N ARG D 79 7.05 42.56 11.42
CA ARG D 79 6.50 41.22 11.22
C ARG D 79 7.35 40.47 10.18
N ILE D 80 7.52 41.08 9.00
CA ILE D 80 8.34 40.50 7.92
C ILE D 80 9.78 40.19 8.37
N GLU D 81 10.27 40.88 9.40
CA GLU D 81 11.53 40.48 10.07
C GLU D 81 11.38 39.09 10.74
N GLN D 82 10.39 38.99 11.65
CA GLN D 82 10.14 37.79 12.47
C GLN D 82 10.00 36.52 11.64
N ILE D 83 9.29 36.64 10.52
CA ILE D 83 9.05 35.52 9.61
C ILE D 83 10.38 35.13 8.98
N ARG D 84 11.01 36.09 8.30
CA ARG D 84 12.32 35.89 7.65
C ARG D 84 13.38 35.29 8.59
N VAL D 85 13.36 35.68 9.88
CA VAL D 85 14.22 35.04 10.89
C VAL D 85 13.87 33.55 11.07
N TYR D 86 12.58 33.28 11.21
CA TYR D 86 12.10 31.93 11.50
C TYR D 86 12.22 30.96 10.33
N ARG D 87 11.98 31.45 9.11
CA ARG D 87 12.21 30.70 7.89
C ARG D 87 13.63 30.17 7.84
N GLN D 88 14.60 31.06 8.09
CA GLN D 88 16.01 30.68 8.09
C GLN D 88 16.34 29.63 9.12
N LYS D 89 15.78 29.78 10.33
CA LYS D 89 15.92 28.77 11.41
C LYS D 89 15.55 27.34 10.96
N ILE D 90 14.58 27.24 10.04
CA ILE D 90 14.25 25.99 9.37
C ILE D 90 15.29 25.63 8.32
N GLU D 91 15.66 26.61 7.48
CA GLU D 91 16.63 26.39 6.38
C GLU D 91 17.97 25.84 6.91
N LYS D 92 18.36 26.30 8.10
CA LYS D 92 19.41 25.73 8.93
C LYS D 92 19.19 24.22 9.12
N GLU D 93 18.06 23.88 9.75
CA GLU D 93 17.71 22.47 10.07
C GLU D 93 17.68 21.58 8.84
N LEU D 94 17.17 22.11 7.74
CA LEU D 94 17.25 21.42 6.45
C LEU D 94 18.71 21.12 6.08
N SER D 95 19.58 22.13 6.19
CA SER D 95 21.01 21.97 5.84
C SER D 95 21.72 20.97 6.76
N ASP D 96 21.48 21.09 8.06
CA ASP D 96 22.02 20.13 9.04
C ASP D 96 21.70 18.69 8.65
N ILE D 97 20.42 18.45 8.38
CA ILE D 97 19.93 17.13 8.03
C ILE D 97 20.46 16.68 6.66
N CYS D 98 20.49 17.58 5.68
CA CYS D 98 21.03 17.23 4.36
C CYS D 98 22.53 16.91 4.38
N ASN D 99 23.32 17.77 4.99
CA ASN D 99 24.77 17.56 5.05
C ASN D 99 25.11 16.26 5.77
N ASP D 100 24.48 16.07 6.92
CA ASP D 100 24.63 14.86 7.71
C ASP D 100 24.50 13.58 6.87
N ILE D 101 23.48 13.53 6.02
CA ILE D 101 23.29 12.37 5.13
C ILE D 101 24.27 12.39 3.96
N LEU D 102 24.38 13.53 3.26
CA LEU D 102 25.24 13.64 2.05
C LEU D 102 26.70 13.26 2.33
N LYS D 103 27.16 13.66 3.52
CA LYS D 103 28.45 13.24 4.06
C LYS D 103 28.55 11.71 4.23
N LEU D 104 27.49 11.10 4.76
CA LEU D 104 27.42 9.64 4.96
C LEU D 104 27.42 8.91 3.61
N LEU D 105 26.63 9.43 2.66
CA LEU D 105 26.60 8.92 1.30
C LEU D 105 27.97 9.01 0.66
N GLN D 106 28.52 10.22 0.63
CA GLN D 106 29.80 10.48 -0.04
C GLN D 106 30.98 9.73 0.61
N GLU D 107 31.03 9.72 1.94
CA GLU D 107 32.16 9.13 2.68
C GLU D 107 32.02 7.63 3.01
N GLN D 108 30.80 7.13 3.21
CA GLN D 108 30.60 5.73 3.63
C GLN D 108 29.86 4.86 2.62
N PHE D 109 28.74 5.33 2.08
CA PHE D 109 27.85 4.46 1.31
C PHE D 109 28.22 4.29 -0.15
N VAL D 110 28.53 5.40 -0.84
CA VAL D 110 28.93 5.35 -2.26
C VAL D 110 30.27 4.63 -2.50
N PRO D 111 31.29 4.89 -1.62
CA PRO D 111 32.55 4.14 -1.71
C PRO D 111 32.38 2.63 -1.50
N ARG D 112 31.68 2.26 -0.44
CA ARG D 112 31.56 0.85 -0.05
C ARG D 112 30.71 -0.02 -0.99
N SER D 113 29.89 0.60 -1.82
CA SER D 113 28.94 -0.14 -2.64
C SER D 113 29.61 -0.87 -3.81
N THR D 114 29.18 -2.13 -4.03
CA THR D 114 29.66 -2.97 -5.15
C THR D 114 28.58 -3.27 -6.21
N ASN D 115 27.36 -3.56 -5.76
CA ASN D 115 26.22 -3.84 -6.65
C ASN D 115 25.71 -2.57 -7.31
N ALA D 116 25.13 -2.71 -8.51
CA ALA D 116 24.58 -1.57 -9.25
C ALA D 116 23.36 -0.95 -8.55
N ASP D 117 22.37 -1.78 -8.24
CA ASP D 117 21.13 -1.32 -7.59
C ASP D 117 21.40 -0.39 -6.40
N ALA D 118 22.31 -0.82 -5.51
CA ALA D 118 22.67 -0.04 -4.33
C ALA D 118 23.34 1.28 -4.72
N LYS D 119 24.15 1.26 -5.78
CA LYS D 119 24.80 2.48 -6.30
C LYS D 119 23.76 3.46 -6.84
N VAL D 120 22.85 2.95 -7.69
CA VAL D 120 21.75 3.78 -8.21
C VAL D 120 20.98 4.36 -7.04
N PHE D 121 20.59 3.50 -6.10
CA PHE D 121 19.91 3.93 -4.88
C PHE D 121 20.65 5.06 -4.15
N TYR D 122 21.94 4.84 -3.86
CA TYR D 122 22.73 5.82 -3.09
C TYR D 122 22.96 7.13 -3.86
N TYR D 123 23.20 7.04 -5.16
CA TYR D 123 23.35 8.25 -6.00
C TYR D 123 22.04 9.03 -6.15
N LYS D 124 20.95 8.31 -6.40
CA LYS D 124 19.60 8.87 -6.38
C LYS D 124 19.31 9.58 -5.05
N MET D 125 19.56 8.87 -3.95
CA MET D 125 19.46 9.44 -2.60
C MET D 125 20.36 10.65 -2.39
N GLN D 126 21.56 10.64 -2.99
CA GLN D 126 22.44 11.83 -3.00
C GLN D 126 21.79 13.00 -3.74
N GLY D 127 21.33 12.76 -4.97
CA GLY D 127 20.63 13.77 -5.75
C GLY D 127 19.38 14.32 -5.07
N ASP D 128 18.70 13.45 -4.33
CA ASP D 128 17.49 13.87 -3.60
C ASP D 128 17.81 14.95 -2.59
N TYR D 129 18.73 14.66 -1.68
CA TYR D 129 19.00 15.57 -0.57
C TYR D 129 19.77 16.82 -1.00
N TYR D 130 20.40 16.79 -2.19
CA TYR D 130 20.77 18.02 -2.91
C TYR D 130 19.51 18.74 -3.41
N ARG D 131 18.61 18.06 -4.11
CA ARG D 131 17.34 18.69 -4.54
C ARG D 131 16.61 19.40 -3.36
N TYR D 132 16.60 18.72 -2.21
CA TYR D 132 16.06 19.28 -0.97
C TYR D 132 16.81 20.52 -0.48
N LEU D 133 18.12 20.56 -0.71
CA LEU D 133 18.89 21.80 -0.47
C LEU D 133 18.51 22.89 -1.47
N ALA D 134 18.43 22.51 -2.75
CA ALA D 134 18.15 23.42 -3.86
C ALA D 134 16.80 24.10 -3.70
N GLU D 135 15.74 23.33 -3.45
CA GLU D 135 14.39 23.92 -3.30
C GLU D 135 14.27 25.22 -2.47
N TYR D 136 15.13 25.36 -1.46
CA TYR D 136 15.12 26.53 -0.59
C TYR D 136 16.32 27.44 -0.73
N SER D 137 17.19 27.17 -1.70
CA SER D 137 18.36 28.02 -1.89
C SER D 137 18.51 28.44 -3.33
N SER D 138 17.49 29.13 -3.82
CA SER D 138 17.49 29.63 -5.18
C SER D 138 18.52 30.73 -5.43
N GLY D 139 18.66 31.64 -4.46
CA GLY D 139 19.56 32.76 -4.58
C GLY D 139 21.07 32.70 -4.70
N GLU D 140 21.74 31.87 -3.92
CA GLU D 140 23.21 31.87 -4.00
C GLU D 140 23.96 30.69 -4.62
N ASP D 141 23.63 29.48 -4.18
CA ASP D 141 24.30 28.29 -4.66
C ASP D 141 23.42 27.35 -5.46
N LYS D 142 22.37 27.89 -6.05
CA LYS D 142 21.46 27.05 -6.79
C LYS D 142 22.18 26.31 -7.90
N GLU D 143 23.01 27.01 -8.66
CA GLU D 143 23.73 26.34 -9.73
C GLU D 143 24.73 25.33 -9.19
N LYS D 144 25.46 25.70 -8.14
CA LYS D 144 26.44 24.81 -7.55
C LYS D 144 25.80 23.58 -6.94
N ILE D 145 24.68 23.79 -6.25
CA ILE D 145 23.95 22.69 -5.61
C ILE D 145 23.26 21.87 -6.70
N ALA D 146 22.50 22.53 -7.58
CA ALA D 146 21.92 21.88 -8.76
C ALA D 146 22.97 21.10 -9.56
N GLY D 147 24.20 21.61 -9.57
CA GLY D 147 25.35 20.91 -10.15
C GLY D 147 25.64 19.60 -9.45
N SER D 148 25.69 19.65 -8.11
CA SER D 148 25.91 18.43 -7.32
C SER D 148 24.73 17.45 -7.36
N ALA D 149 23.52 17.98 -7.59
CA ALA D 149 22.35 17.15 -7.88
C ALA D 149 22.50 16.49 -9.24
N LEU D 150 22.55 17.28 -10.32
CA LEU D 150 22.65 16.77 -11.70
C LEU D 150 23.74 15.68 -11.89
N ASN D 151 24.88 15.88 -11.23
CA ASN D 151 25.97 14.89 -11.22
C ASN D 151 25.65 13.63 -10.42
N ALA D 152 24.97 13.78 -9.29
CA ALA D 152 24.52 12.62 -8.52
C ALA D 152 23.47 11.83 -9.30
N TYR D 153 22.49 12.53 -9.86
CA TYR D 153 21.46 11.90 -10.67
C TYR D 153 21.97 11.30 -11.98
N ASN D 154 22.93 11.95 -12.64
CA ASN D 154 23.52 11.36 -13.86
C ASN D 154 24.36 10.09 -13.61
N SER D 155 25.06 10.06 -12.47
CA SER D 155 25.75 8.84 -12.01
C SER D 155 24.76 7.68 -11.85
N ALA D 156 23.66 7.97 -11.15
CA ALA D 156 22.57 7.02 -10.98
C ALA D 156 21.96 6.60 -12.33
N PHE D 157 21.73 7.58 -13.21
CA PHE D 157 21.10 7.33 -14.52
C PHE D 157 21.99 6.51 -15.47
N GLU D 158 23.29 6.81 -15.48
CA GLU D 158 24.27 6.00 -16.22
C GLU D 158 24.20 4.53 -15.79
N ILE D 159 24.28 4.30 -14.48
CA ILE D 159 24.32 2.95 -13.92
C ILE D 159 22.99 2.22 -14.10
N SER D 160 21.88 2.93 -13.84
CA SER D 160 20.52 2.36 -13.93
C SER D 160 20.25 1.56 -15.21
N GLN D 161 20.90 1.95 -16.30
CA GLN D 161 20.81 1.21 -17.57
C GLN D 161 21.18 -0.28 -17.48
N GLN D 162 21.93 -0.65 -16.44
CA GLN D 162 22.21 -2.06 -16.13
C GLN D 162 21.06 -2.83 -15.46
N LEU D 163 20.11 -2.13 -14.81
CA LEU D 163 18.96 -2.78 -14.18
C LEU D 163 17.79 -2.86 -15.16
N PRO D 164 16.87 -3.84 -14.96
CA PRO D 164 15.68 -3.92 -15.83
C PRO D 164 14.76 -2.68 -15.70
N PRO D 165 14.19 -2.18 -16.82
CA PRO D 165 13.31 -0.99 -16.85
C PRO D 165 12.24 -0.92 -15.76
N THR D 166 11.69 -2.07 -15.37
CA THR D 166 10.67 -2.14 -14.30
C THR D 166 11.22 -2.15 -12.86
N HIS D 167 12.52 -1.95 -12.68
CA HIS D 167 13.10 -1.97 -11.33
C HIS D 167 12.67 -0.71 -10.53
N PRO D 168 12.06 -0.93 -9.34
CA PRO D 168 11.58 0.16 -8.48
C PRO D 168 12.57 1.30 -8.22
N ILE D 169 13.84 0.94 -8.04
CA ILE D 169 14.93 1.91 -7.90
C ILE D 169 15.08 2.70 -9.20
N ARG D 170 15.10 1.99 -10.32
CA ARG D 170 15.26 2.62 -11.62
C ARG D 170 14.14 3.61 -11.91
N LEU D 171 12.90 3.17 -11.68
CA LEU D 171 11.76 4.09 -11.87
C LEU D 171 11.76 5.23 -10.84
N GLY D 172 12.10 4.87 -9.60
CA GLY D 172 12.31 5.82 -8.51
C GLY D 172 13.31 6.93 -8.84
N LEU D 173 14.35 6.58 -9.59
CA LEU D 173 15.26 7.60 -10.12
C LEU D 173 14.58 8.48 -11.17
N ALA D 174 14.09 7.84 -12.22
CA ALA D 174 13.41 8.54 -13.33
C ALA D 174 12.35 9.52 -12.82
N LEU D 175 11.63 9.15 -11.76
CA LEU D 175 10.62 10.05 -11.17
C LEU D 175 11.22 11.30 -10.53
N ASN D 176 12.20 11.12 -9.65
CA ASN D 176 12.84 12.23 -8.91
C ASN D 176 13.76 13.11 -9.76
N PHE D 177 14.41 12.50 -10.76
CA PHE D 177 15.24 13.23 -11.72
C PHE D 177 14.36 14.15 -12.61
N SER D 178 13.16 13.68 -12.97
CA SER D 178 12.20 14.51 -13.71
C SER D 178 11.68 15.66 -12.84
N VAL D 179 11.36 15.35 -11.59
CA VAL D 179 11.00 16.38 -10.59
C VAL D 179 12.13 17.38 -10.42
N PHE D 180 13.38 16.90 -10.46
CA PHE D 180 14.55 17.79 -10.46
C PHE D 180 14.57 18.68 -11.70
N TYR D 181 14.48 18.07 -12.89
CA TYR D 181 14.40 18.86 -14.14
C TYR D 181 13.25 19.90 -14.19
N TYR D 182 12.10 19.54 -13.63
CA TYR D 182 10.97 20.47 -13.60
C TYR D 182 11.16 21.51 -12.49
N GLU D 183 11.06 21.05 -11.24
CA GLU D 183 10.88 21.97 -10.10
C GLU D 183 12.09 22.85 -9.78
N ILE D 184 13.30 22.38 -10.07
CA ILE D 184 14.52 23.15 -9.76
C ILE D 184 15.09 23.88 -10.98
N LEU D 185 15.19 23.18 -12.12
CA LEU D 185 15.70 23.77 -13.38
C LEU D 185 14.62 24.35 -14.31
N ALA D 186 13.36 24.36 -13.87
CA ALA D 186 12.27 24.96 -14.67
C ALA D 186 12.26 24.44 -16.12
N SER D 187 12.52 23.13 -16.32
CA SER D 187 12.57 22.53 -17.67
C SER D 187 11.48 21.48 -17.87
N PRO D 188 10.24 21.91 -18.24
CA PRO D 188 9.15 20.96 -18.45
C PRO D 188 9.41 19.87 -19.49
N ASP D 189 9.97 20.25 -20.63
CA ASP D 189 10.21 19.32 -21.73
C ASP D 189 11.23 18.21 -21.35
N ARG D 190 12.26 18.58 -20.60
CA ARG D 190 13.25 17.63 -20.09
C ARG D 190 12.63 16.63 -19.11
N ALA D 191 11.89 17.16 -18.14
CA ALA D 191 11.15 16.35 -17.16
C ALA D 191 10.17 15.40 -17.85
N CYS D 192 9.36 15.96 -18.75
CA CYS D 192 8.41 15.18 -19.56
C CYS D 192 9.11 14.10 -20.38
N GLU D 193 10.14 14.48 -21.13
CA GLU D 193 10.91 13.54 -21.95
C GLU D 193 11.53 12.43 -21.09
N LEU D 194 12.06 12.81 -19.93
CA LEU D 194 12.68 11.86 -19.00
C LEU D 194 11.68 10.89 -18.38
N ALA D 195 10.55 11.42 -17.88
CA ALA D 195 9.47 10.55 -17.35
C ALA D 195 8.82 9.66 -18.43
N ARG D 196 8.56 10.24 -19.61
CA ARG D 196 7.90 9.54 -20.71
C ARG D 196 8.67 8.29 -21.16
N LYS D 197 9.95 8.45 -21.42
CA LYS D 197 10.83 7.35 -21.84
C LYS D 197 10.81 6.22 -20.81
N ALA D 198 11.00 6.61 -19.55
CA ALA D 198 11.03 5.70 -18.40
C ALA D 198 9.71 4.96 -18.19
N PHE D 199 8.60 5.68 -18.34
CA PHE D 199 7.26 5.11 -18.28
C PHE D 199 7.09 4.11 -19.42
N ASP D 200 7.22 4.62 -20.65
CA ASP D 200 7.04 3.82 -21.87
C ASP D 200 7.88 2.54 -21.88
N ALA D 201 9.14 2.65 -21.44
CA ALA D 201 10.05 1.51 -21.34
C ALA D 201 9.61 0.43 -20.33
N ALA D 202 8.85 0.82 -19.31
CA ALA D 202 8.48 -0.10 -18.25
C ALA D 202 7.28 -0.97 -18.59
N ILE D 203 6.33 -0.44 -19.35
CA ILE D 203 5.06 -1.15 -19.62
C ILE D 203 5.20 -2.34 -20.58
N THR D 204 6.12 -2.25 -21.54
CA THR D 204 6.48 -3.40 -22.41
C THR D 204 6.93 -4.62 -21.57
N ASP D 205 7.83 -4.37 -20.61
CA ASP D 205 8.35 -5.41 -19.72
C ASP D 205 7.40 -5.77 -18.56
N LEU D 206 6.54 -4.84 -18.14
CA LEU D 206 5.68 -5.06 -16.95
C LEU D 206 4.56 -6.06 -17.21
N ASP D 207 4.96 -7.33 -17.18
CA ASP D 207 4.06 -8.48 -17.09
C ASP D 207 4.79 -9.44 -16.14
N LYS D 208 5.93 -9.94 -16.62
CA LYS D 208 6.90 -10.73 -15.85
C LYS D 208 7.62 -9.89 -14.77
N LEU D 209 7.09 -9.91 -13.55
CA LEU D 209 7.74 -9.23 -12.41
C LEU D 209 7.22 -9.77 -11.07
N THR D 210 8.12 -9.84 -10.10
CA THR D 210 7.79 -10.26 -8.72
C THR D 210 6.61 -9.51 -8.11
N GLU D 211 5.76 -10.24 -7.38
CA GLU D 211 4.55 -9.66 -6.75
C GLU D 211 4.91 -8.73 -5.58
N GLU D 212 6.11 -8.92 -5.03
CA GLU D 212 6.68 -8.05 -4.02
C GLU D 212 6.95 -6.64 -4.58
N SER D 213 7.61 -6.57 -5.74
CA SER D 213 8.02 -5.29 -6.36
C SER D 213 6.96 -4.70 -7.32
N TYR D 214 6.09 -5.56 -7.88
CA TYR D 214 4.97 -5.12 -8.72
C TYR D 214 4.23 -3.93 -8.13
N LYS D 215 3.89 -4.03 -6.85
CA LYS D 215 3.24 -2.94 -6.13
C LYS D 215 4.07 -1.66 -6.20
N ASP D 216 5.37 -1.82 -5.92
CA ASP D 216 6.28 -0.66 -5.83
C ASP D 216 6.48 0.03 -7.18
N SER D 217 6.75 -0.77 -8.22
CA SER D 217 6.90 -0.24 -9.58
C SER D 217 5.58 0.35 -10.10
N THR D 218 4.51 -0.45 -10.01
CA THR D 218 3.21 0.00 -10.48
C THR D 218 2.74 1.26 -9.75
N LEU D 219 3.06 1.39 -8.45
CA LEU D 219 2.85 2.63 -7.70
C LEU D 219 3.54 3.81 -8.39
N ILE D 220 4.87 3.74 -8.49
CA ILE D 220 5.69 4.81 -9.11
C ILE D 220 5.18 5.16 -10.51
N MET D 221 4.93 4.13 -11.32
CA MET D 221 4.36 4.34 -12.65
C MET D 221 3.13 5.23 -12.62
N GLN D 222 2.30 5.07 -11.59
CA GLN D 222 1.12 5.90 -11.40
C GLN D 222 1.50 7.33 -11.05
N LEU D 223 2.51 7.48 -10.21
CA LEU D 223 3.03 8.81 -9.86
C LEU D 223 3.60 9.54 -11.05
N LEU D 224 4.26 8.82 -11.97
CA LEU D 224 4.76 9.45 -13.20
C LEU D 224 3.59 10.07 -14.01
N ARG D 225 2.66 9.20 -14.41
CA ARG D 225 1.44 9.60 -15.11
C ARG D 225 0.81 10.87 -14.56
N ASP D 226 0.71 10.96 -13.24
CA ASP D 226 0.09 12.12 -12.57
C ASP D 226 0.89 13.39 -12.80
N ASN D 227 2.22 13.27 -12.74
CA ASN D 227 3.09 14.39 -13.02
C ASN D 227 2.99 14.79 -14.49
N LEU D 228 3.03 13.81 -15.38
CA LEU D 228 2.83 14.07 -16.82
C LEU D 228 1.47 14.73 -17.10
N ASN D 229 0.42 14.33 -16.36
CA ASN D 229 -0.88 14.97 -16.48
C ASN D 229 -0.93 16.36 -15.86
N LEU D 230 -0.16 16.59 -14.79
CA LEU D 230 0.01 17.98 -14.29
C LEU D 230 0.72 18.85 -15.30
N TRP D 231 1.78 18.31 -15.91
CA TRP D 231 2.63 19.09 -16.80
C TRP D 231 2.07 19.16 -18.24
N VAL D 232 0.92 19.83 -18.41
CA VAL D 232 0.33 20.16 -19.72
C VAL D 232 -0.56 21.42 -19.63
N ALA E 4 -1.97 2.17 -1.79
CA ALA E 4 -3.03 1.30 -2.39
C ALA E 4 -4.26 1.30 -1.51
N ALA E 6 -7.74 -0.83 0.27
CA ALA E 6 -7.96 -2.01 1.10
C ALA E 6 -8.08 -3.29 0.26
N PRO E 7 -7.51 -4.41 0.76
CA PRO E 7 -7.72 -5.71 0.11
C PRO E 7 -9.12 -6.30 0.35
N ALA F 4 10.99 -27.98 -12.89
CA ALA F 4 10.12 -27.20 -13.83
C ALA F 4 10.40 -27.58 -15.27
N ALA F 6 10.54 -25.79 -19.50
CA ALA F 6 10.96 -24.55 -20.15
C ALA F 6 9.90 -23.45 -20.07
N PRO F 7 10.33 -22.18 -20.15
CA PRO F 7 9.36 -21.10 -20.29
C PRO F 7 8.80 -21.06 -21.71
N ALA G 4 -11.40 9.73 23.44
CA ALA G 4 -12.64 10.53 23.31
C ALA G 4 -12.72 11.61 24.37
N ALA G 6 -12.00 16.10 25.10
CA ALA G 6 -12.13 17.41 24.49
C ALA G 6 -10.87 17.76 23.70
N PRO G 7 -10.98 18.66 22.70
CA PRO G 7 -9.78 19.10 21.97
C PRO G 7 -8.94 20.19 22.69
N ALA H 4 4.19 14.58 -7.01
CA ALA H 4 4.99 13.99 -5.90
C ALA H 4 6.18 13.22 -6.44
N ALA H 6 9.32 9.99 -5.56
CA ALA H 6 9.39 8.62 -5.08
C ALA H 6 9.44 8.58 -3.55
N PRO H 7 8.77 7.57 -2.93
CA PRO H 7 8.79 7.39 -1.48
C PRO H 7 10.05 6.67 -0.97
#